data_6UVZ
#
_entry.id   6UVZ
#
_cell.length_a   166.528
_cell.length_b   166.528
_cell.length_c   151.693
_cell.angle_alpha   90.000
_cell.angle_beta   90.000
_cell.angle_gamma   90.000
#
_symmetry.space_group_name_H-M   'P 43 21 2'
#
loop_
_entity.id
_entity.type
_entity.pdbx_description
1 polymer 'Amidohydrolase 2'
2 non-polymer 'NONAETHYLENE GLYCOL'
3 non-polymer 'CITRIC ACID'
4 water water
#
_entity_poly.entity_id   1
_entity_poly.type   'polypeptide(L)'
_entity_poly.pdbx_seq_one_letter_code
;SNA(MSE)TLNVIDSHFHIWDPDAQDLPWLAGLPSLQHRYTVDDLAAEYAKFGVNFLGGVYVEVDAADHELEDRLLYENA
SPLILKR(MSE)LQGRVSPW(MSE)RVPINADGIREPLHVDSEPRGRALEPEFIAGLRA(MSE)AAKGLPFELCNRGPEL
GD(MSE)AKAFAQVPEVTVIIDHLGNVPGLDEESCAALAALAELPNSYIKVSGDNPVGPDIVKYVRDTFGPKKVLYSSNW
PVVELNSTFATHFQL(MSE)LDTFGEDEDFFENNARRAYNID
;
_entity_poly.pdbx_strand_id   A,B,C,D,E
#
# COMPACT_ATOMS: atom_id res chain seq x y z
N ALA A 3 -2.51 1.35 -19.73
CA ALA A 3 -2.48 1.37 -18.27
C ALA A 3 -1.20 0.73 -17.74
N THR A 5 1.77 1.29 -16.59
CA THR A 5 2.33 2.49 -15.97
C THR A 5 2.28 3.71 -16.89
N LEU A 6 1.22 4.50 -16.75
CA LEU A 6 0.95 5.63 -17.62
C LEU A 6 0.63 6.87 -16.79
N ASN A 7 1.25 8.00 -17.14
CA ASN A 7 1.00 9.27 -16.47
C ASN A 7 -0.20 9.95 -17.10
N VAL A 8 -1.12 10.45 -16.27
CA VAL A 8 -2.38 11.02 -16.72
C VAL A 8 -2.59 12.36 -16.05
N ILE A 9 -2.92 13.38 -16.85
CA ILE A 9 -3.31 14.70 -16.35
C ILE A 9 -4.72 14.98 -16.82
N ASP A 10 -5.65 15.11 -15.88
CA ASP A 10 -7.05 15.35 -16.20
C ASP A 10 -7.24 16.84 -16.47
N SER A 11 -7.45 17.20 -17.73
CA SER A 11 -7.56 18.62 -18.10
C SER A 11 -8.94 19.20 -17.84
N HIS A 12 -9.89 18.43 -17.31
CA HIS A 12 -11.24 18.95 -17.11
C HIS A 12 -11.97 18.05 -16.12
N PHE A 13 -12.16 18.54 -14.90
CA PHE A 13 -12.96 17.83 -13.90
C PHE A 13 -13.65 18.85 -13.02
N HIS A 14 -14.66 18.38 -12.28
CA HIS A 14 -15.45 19.23 -11.40
C HIS A 14 -15.56 18.61 -10.02
N ILE A 15 -15.73 19.46 -9.02
CA ILE A 15 -16.07 19.05 -7.67
C ILE A 15 -17.08 20.04 -7.11
N TRP A 16 -18.00 19.55 -6.28
CA TRP A 16 -18.98 20.44 -5.66
C TRP A 16 -19.58 19.75 -4.44
N ASP A 17 -20.23 20.56 -3.61
CA ASP A 17 -20.94 20.09 -2.43
C ASP A 17 -22.34 20.70 -2.45
N PRO A 18 -23.39 19.90 -2.65
CA PRO A 18 -24.74 20.47 -2.80
C PRO A 18 -25.27 21.15 -1.54
N ASP A 19 -24.67 20.92 -0.38
CA ASP A 19 -25.12 21.58 0.84
C ASP A 19 -24.49 22.96 1.01
N ALA A 20 -23.16 23.04 0.92
CA ALA A 20 -22.47 24.31 1.08
C ALA A 20 -22.59 25.21 -0.14
N GLN A 21 -22.82 24.64 -1.33
CA GLN A 21 -22.90 25.41 -2.55
C GLN A 21 -24.31 25.34 -3.13
N ASP A 22 -24.61 26.32 -3.99
CA ASP A 22 -25.91 26.42 -4.66
C ASP A 22 -25.69 26.29 -6.16
N LEU A 23 -26.05 25.14 -6.71
CA LEU A 23 -25.93 24.89 -8.15
C LEU A 23 -27.33 24.77 -8.74
N PRO A 24 -27.81 25.77 -9.47
CA PRO A 24 -29.19 25.69 -9.98
C PRO A 24 -29.38 24.62 -11.04
N TRP A 25 -28.38 24.39 -11.89
CA TRP A 25 -28.49 23.37 -12.93
C TRP A 25 -28.55 21.95 -12.39
N LEU A 26 -28.32 21.76 -11.09
CA LEU A 26 -28.38 20.44 -10.49
C LEU A 26 -29.81 19.96 -10.26
N ALA A 27 -30.79 20.84 -10.38
CA ALA A 27 -32.18 20.43 -10.24
C ALA A 27 -32.60 19.54 -11.42
N GLY A 28 -33.42 18.54 -11.13
CA GLY A 28 -33.80 17.57 -12.13
C GLY A 28 -32.76 16.52 -12.42
N LEU A 29 -31.59 16.57 -11.76
CA LEU A 29 -30.52 15.60 -11.92
C LEU A 29 -30.21 15.01 -10.55
N PRO A 30 -31.05 14.10 -10.05
CA PRO A 30 -30.77 13.49 -8.74
C PRO A 30 -29.53 12.61 -8.73
N SER A 31 -29.05 12.19 -9.91
CA SER A 31 -27.86 11.35 -9.98
C SER A 31 -26.59 12.10 -9.58
N LEU A 32 -26.61 13.43 -9.63
CA LEU A 32 -25.43 14.23 -9.35
C LEU A 32 -25.57 15.07 -8.08
N GLN A 33 -26.67 14.93 -7.33
CA GLN A 33 -26.89 15.71 -6.12
C GLN A 33 -26.17 15.07 -4.93
N HIS A 34 -24.86 14.93 -5.07
CA HIS A 34 -24.02 14.36 -4.03
C HIS A 34 -22.76 15.21 -3.90
N ARG A 35 -22.02 14.98 -2.83
CA ARG A 35 -20.76 15.66 -2.60
C ARG A 35 -19.63 14.93 -3.34
N TYR A 36 -18.92 15.64 -4.20
CA TYR A 36 -17.81 15.09 -4.96
C TYR A 36 -16.53 15.82 -4.56
N THR A 37 -15.51 15.06 -4.19
CA THR A 37 -14.23 15.61 -3.79
C THR A 37 -13.14 15.14 -4.74
N VAL A 38 -11.99 15.80 -4.65
CA VAL A 38 -10.85 15.42 -5.48
C VAL A 38 -10.35 14.02 -5.11
N ASP A 39 -10.53 13.61 -3.85
CA ASP A 39 -10.14 12.27 -3.45
C ASP A 39 -10.99 11.20 -4.13
N ASP A 40 -12.26 11.50 -4.40
CA ASP A 40 -13.10 10.56 -5.12
C ASP A 40 -12.61 10.33 -6.54
N LEU A 41 -12.10 11.40 -7.18
CA LEU A 41 -11.54 11.25 -8.52
C LEU A 41 -10.21 10.51 -8.47
N ALA A 42 -9.43 10.71 -7.41
CA ALA A 42 -8.16 10.00 -7.28
C ALA A 42 -8.38 8.50 -7.08
N ALA A 43 -9.45 8.12 -6.39
CA ALA A 43 -9.74 6.70 -6.20
C ALA A 43 -10.12 6.02 -7.51
N GLU A 44 -10.75 6.77 -8.44
CA GLU A 44 -11.09 6.20 -9.74
C GLU A 44 -9.83 5.92 -10.56
N TYR A 45 -8.89 6.87 -10.57
CA TYR A 45 -7.63 6.64 -11.27
C TYR A 45 -6.77 5.58 -10.58
N ALA A 46 -7.02 5.31 -9.30
CA ALA A 46 -6.32 4.22 -8.63
C ALA A 46 -6.81 2.86 -9.14
N LYS A 47 -8.12 2.74 -9.39
CA LYS A 47 -8.64 1.49 -9.95
C LYS A 47 -8.09 1.21 -11.34
N PHE A 48 -7.77 2.26 -12.08
CA PHE A 48 -7.28 2.12 -13.46
C PHE A 48 -5.78 1.91 -13.54
N GLY A 49 -5.09 1.90 -12.41
CA GLY A 49 -3.66 1.62 -12.41
C GLY A 49 -2.80 2.66 -13.11
N VAL A 50 -3.27 3.89 -13.23
CA VAL A 50 -2.50 4.95 -13.85
C VAL A 50 -1.93 5.85 -12.76
N ASN A 51 -0.87 6.57 -13.10
CA ASN A 51 -0.24 7.51 -12.18
C ASN A 51 -0.91 8.87 -12.34
N PHE A 52 -1.85 9.17 -11.44
CA PHE A 52 -2.63 10.40 -11.52
C PHE A 52 -1.76 11.57 -11.06
N LEU A 53 -1.37 12.43 -12.00
CA LEU A 53 -0.51 13.57 -11.70
C LEU A 53 -1.29 14.82 -11.32
N GLY A 54 -2.62 14.75 -11.26
CA GLY A 54 -3.43 15.89 -10.91
C GLY A 54 -4.40 16.27 -12.03
N GLY A 55 -5.28 17.20 -11.69
CA GLY A 55 -6.33 17.61 -12.60
C GLY A 55 -6.44 19.12 -12.70
N VAL A 56 -7.21 19.57 -13.69
CA VAL A 56 -7.50 20.97 -13.92
C VAL A 56 -8.96 21.20 -13.57
N TYR A 57 -9.20 21.96 -12.50
CA TYR A 57 -10.56 22.28 -12.10
C TYR A 57 -11.19 23.28 -13.07
N VAL A 58 -12.47 23.08 -13.35
CA VAL A 58 -13.25 23.99 -14.17
C VAL A 58 -14.47 24.43 -13.37
N GLU A 59 -14.85 25.70 -13.51
CA GLU A 59 -15.93 26.25 -12.72
C GLU A 59 -17.22 25.47 -12.94
N VAL A 60 -17.96 25.27 -11.85
CA VAL A 60 -19.15 24.42 -11.87
C VAL A 60 -20.43 25.25 -12.05
N ASP A 61 -20.31 26.49 -12.53
CA ASP A 61 -21.45 27.37 -12.76
C ASP A 61 -22.25 27.55 -11.47
N ALA A 62 -21.54 27.90 -10.39
CA ALA A 62 -22.17 28.09 -9.10
C ALA A 62 -22.91 29.41 -9.04
N ALA A 63 -23.87 29.51 -8.12
CA ALA A 63 -24.65 30.72 -7.98
C ALA A 63 -23.81 31.85 -7.38
N ASP A 64 -22.97 31.53 -6.40
CA ASP A 64 -22.10 32.51 -5.76
C ASP A 64 -20.68 32.23 -6.23
N HIS A 65 -20.22 33.00 -7.22
CA HIS A 65 -18.88 32.80 -7.75
C HIS A 65 -17.81 33.17 -6.73
N GLU A 66 -18.10 34.13 -5.84
CA GLU A 66 -17.13 34.48 -4.81
C GLU A 66 -16.94 33.34 -3.83
N LEU A 67 -18.01 32.59 -3.52
CA LEU A 67 -17.89 31.41 -2.68
C LEU A 67 -17.05 30.34 -3.36
N GLU A 68 -17.23 30.16 -4.68
CA GLU A 68 -16.45 29.18 -5.40
C GLU A 68 -14.98 29.55 -5.45
N ASP A 69 -14.67 30.85 -5.52
CA ASP A 69 -13.28 31.28 -5.46
C ASP A 69 -12.64 30.95 -4.12
N ARG A 70 -13.37 31.18 -3.03
CA ARG A 70 -12.84 30.92 -1.70
C ARG A 70 -12.68 29.42 -1.45
N LEU A 71 -13.71 28.64 -1.79
CA LEU A 71 -13.68 27.21 -1.54
C LEU A 71 -12.54 26.51 -2.27
N LEU A 72 -12.05 27.09 -3.37
CA LEU A 72 -10.96 26.46 -4.10
C LEU A 72 -9.59 26.99 -3.72
N TYR A 73 -9.52 28.14 -3.04
CA TYR A 73 -8.28 28.49 -2.37
C TYR A 73 -8.06 27.61 -1.14
N GLU A 74 -9.10 27.45 -0.32
CA GLU A 74 -9.02 26.64 0.88
C GLU A 74 -8.86 25.16 0.59
N ASN A 75 -9.08 24.73 -0.65
CA ASN A 75 -8.86 23.34 -1.06
C ASN A 75 -7.43 23.25 -1.59
N ALA A 76 -6.47 23.07 -0.67
CA ALA A 76 -5.05 23.02 -1.01
C ALA A 76 -4.58 21.62 -1.40
N SER A 77 -5.46 20.81 -1.96
CA SER A 77 -5.06 19.48 -2.40
C SER A 77 -4.03 19.58 -3.51
N PRO A 78 -2.90 18.87 -3.42
CA PRO A 78 -1.90 18.94 -4.50
C PRO A 78 -2.41 18.44 -5.83
N LEU A 79 -3.50 17.68 -5.85
CA LEU A 79 -4.04 17.14 -7.10
C LEU A 79 -4.76 18.19 -7.93
N ILE A 80 -4.99 19.39 -7.40
CA ILE A 80 -5.62 20.46 -8.15
C ILE A 80 -4.48 21.27 -8.77
N LEU A 81 -4.13 20.94 -10.01
CA LEU A 81 -3.00 21.58 -10.67
C LEU A 81 -3.34 23.01 -11.08
N LYS A 82 -4.49 23.20 -11.74
CA LYS A 82 -4.91 24.51 -12.21
C LYS A 82 -6.38 24.71 -11.88
N ARG A 83 -6.77 25.98 -11.76
CA ARG A 83 -8.14 26.35 -11.42
C ARG A 83 -8.68 27.29 -12.48
N LEU A 85 -11.62 29.41 -13.01
CA LEU A 85 -12.77 30.05 -12.41
C LEU A 85 -13.52 30.89 -13.44
N GLN A 86 -14.73 31.32 -13.09
CA GLN A 86 -15.59 31.99 -14.04
C GLN A 86 -15.39 33.50 -14.02
N GLY A 87 -15.81 34.13 -15.11
CA GLY A 87 -15.70 35.57 -15.24
C GLY A 87 -16.25 36.02 -16.57
N ARG A 88 -16.34 37.34 -16.73
CA ARG A 88 -16.82 37.95 -17.96
C ARG A 88 -15.63 38.59 -18.67
N VAL A 89 -15.34 38.11 -19.88
CA VAL A 89 -14.14 38.53 -20.60
C VAL A 89 -14.24 39.99 -20.97
N SER A 90 -13.24 40.77 -20.55
CA SER A 90 -13.14 42.19 -20.87
C SER A 90 -11.75 42.66 -20.45
N PRO A 91 -11.24 43.72 -21.08
CA PRO A 91 -9.92 44.23 -20.68
C PRO A 91 -9.92 44.95 -19.33
N TRP A 92 -11.06 44.89 -18.63
CA TRP A 92 -11.17 45.40 -17.27
C TRP A 92 -11.80 44.36 -16.34
N ARG A 94 -12.74 41.33 -13.69
CA ARG A 94 -12.36 40.91 -12.33
C ARG A 94 -11.92 39.44 -12.39
N VAL A 95 -10.66 39.19 -12.13
CA VAL A 95 -10.08 37.85 -12.15
C VAL A 95 -9.69 37.47 -10.74
N PRO A 96 -10.07 36.28 -10.26
CA PRO A 96 -9.63 35.86 -8.92
C PRO A 96 -8.11 35.75 -8.86
N ILE A 97 -7.54 36.25 -7.77
CA ILE A 97 -6.09 36.31 -7.64
C ILE A 97 -5.46 34.92 -7.57
N ASN A 98 -6.25 33.89 -7.27
CA ASN A 98 -5.78 32.52 -7.23
C ASN A 98 -6.15 31.73 -8.48
N ALA A 99 -6.75 32.38 -9.47
CA ALA A 99 -7.23 31.70 -10.67
C ALA A 99 -6.11 31.60 -11.71
N ASP A 100 -5.97 30.41 -12.30
CA ASP A 100 -5.01 30.20 -13.38
C ASP A 100 -5.61 30.48 -14.75
N GLY A 101 -6.92 30.55 -14.85
CA GLY A 101 -7.58 30.84 -16.12
C GLY A 101 -9.04 31.20 -15.86
N ILE A 102 -9.74 31.50 -16.96
CA ILE A 102 -11.11 31.99 -16.90
C ILE A 102 -11.95 31.21 -17.90
N ARG A 103 -13.18 30.87 -17.49
CA ARG A 103 -14.19 30.36 -18.42
C ARG A 103 -15.44 31.22 -18.30
N GLU A 104 -15.92 31.72 -19.44
CA GLU A 104 -17.19 32.43 -19.47
C GLU A 104 -18.26 31.51 -20.03
N PRO A 105 -19.28 31.15 -19.24
CA PRO A 105 -20.31 30.24 -19.75
C PRO A 105 -21.11 30.86 -20.89
N LEU A 106 -20.63 30.69 -22.11
CA LEU A 106 -21.34 31.18 -23.29
C LEU A 106 -22.63 30.38 -23.45
N HIS A 107 -23.75 31.01 -23.07
CA HIS A 107 -25.07 30.39 -23.03
C HIS A 107 -25.37 29.53 -24.25
N ARG A 113 -27.07 35.53 -29.16
CA ARG A 113 -26.00 36.19 -28.42
C ARG A 113 -24.66 36.07 -29.15
N GLY A 114 -24.30 37.12 -29.89
CA GLY A 114 -23.01 37.16 -30.55
C GLY A 114 -21.92 37.71 -29.64
N ARG A 115 -21.72 37.03 -28.51
CA ARG A 115 -20.78 37.54 -27.49
C ARG A 115 -19.36 37.55 -28.02
N ALA A 116 -18.98 36.55 -28.82
CA ALA A 116 -17.61 36.46 -29.31
C ALA A 116 -17.26 37.55 -30.31
N LEU A 117 -18.26 38.24 -30.86
CA LEU A 117 -18.04 39.29 -31.83
C LEU A 117 -17.94 40.67 -31.21
N GLU A 118 -18.16 40.80 -29.91
CA GLU A 118 -18.08 42.10 -29.27
C GLU A 118 -16.61 42.51 -29.12
N PRO A 119 -16.28 43.79 -29.31
CA PRO A 119 -14.88 44.20 -29.22
C PRO A 119 -14.30 44.07 -27.83
N GLU A 120 -15.10 44.22 -26.78
CA GLU A 120 -14.58 44.04 -25.43
C GLU A 120 -14.20 42.60 -25.16
N PHE A 121 -14.84 41.65 -25.86
CA PHE A 121 -14.44 40.25 -25.73
C PHE A 121 -13.10 40.01 -26.42
N ILE A 122 -12.89 40.61 -27.60
CA ILE A 122 -11.62 40.48 -28.28
C ILE A 122 -10.51 41.16 -27.50
N ALA A 123 -10.77 42.38 -27.02
CA ALA A 123 -9.79 43.09 -26.21
C ALA A 123 -9.52 42.37 -24.90
N GLY A 124 -10.53 41.70 -24.35
CA GLY A 124 -10.31 40.92 -23.14
C GLY A 124 -9.42 39.72 -23.36
N LEU A 125 -9.48 39.13 -24.56
CA LEU A 125 -8.59 38.01 -24.88
C LEU A 125 -7.13 38.45 -24.87
N ARG A 126 -6.85 39.64 -25.40
CA ARG A 126 -5.48 40.14 -25.41
C ARG A 126 -4.98 40.41 -23.99
N ALA A 127 -5.88 40.88 -23.12
CA ALA A 127 -5.48 41.13 -21.73
C ALA A 127 -5.12 39.84 -21.01
N ALA A 129 -4.15 37.11 -22.49
CA ALA A 129 -2.94 36.61 -23.14
C ALA A 129 -1.68 37.22 -22.55
N ALA A 130 -1.72 38.53 -22.27
CA ALA A 130 -0.56 39.18 -21.69
C ALA A 130 -0.36 38.80 -20.23
N LYS A 131 -1.37 38.20 -19.60
CA LYS A 131 -1.30 37.77 -18.20
C LYS A 131 -1.05 36.27 -18.06
N GLY A 132 -0.96 35.54 -19.16
CA GLY A 132 -0.80 34.10 -19.09
C GLY A 132 -2.04 33.36 -18.65
N LEU A 133 -3.22 33.87 -19.00
CA LEU A 133 -4.49 33.26 -18.60
C LEU A 133 -5.14 32.59 -19.79
N PRO A 134 -5.18 31.26 -19.85
CA PRO A 134 -5.90 30.59 -20.92
C PRO A 134 -7.41 30.78 -20.77
N PHE A 135 -8.11 30.66 -21.90
CA PHE A 135 -9.56 30.78 -21.92
C PHE A 135 -10.18 29.42 -22.21
N GLU A 136 -11.24 29.09 -21.48
CA GLU A 136 -11.96 27.83 -21.62
C GLU A 136 -13.22 28.10 -22.43
N LEU A 137 -13.28 27.55 -23.64
CA LEU A 137 -14.38 27.82 -24.56
C LEU A 137 -15.39 26.68 -24.49
N CYS A 138 -16.57 26.96 -23.96
CA CYS A 138 -17.69 26.02 -23.93
C CYS A 138 -18.90 26.74 -24.50
N ASN A 139 -19.31 26.35 -25.70
CA ASN A 139 -20.35 27.08 -26.43
C ASN A 139 -21.43 26.16 -26.98
N ARG A 140 -22.27 26.69 -27.86
CA ARG A 140 -23.28 25.91 -28.54
C ARG A 140 -22.68 25.27 -29.79
N GLY A 141 -23.48 24.46 -30.47
CA GLY A 141 -23.08 23.82 -31.70
C GLY A 141 -22.88 24.77 -32.86
N PRO A 142 -23.94 25.46 -33.28
CA PRO A 142 -23.85 26.31 -34.48
C PRO A 142 -22.99 27.55 -34.30
N GLU A 143 -22.69 27.96 -33.06
CA GLU A 143 -21.96 29.19 -32.82
C GLU A 143 -20.46 29.04 -32.94
N LEU A 144 -19.95 27.87 -33.35
CA LEU A 144 -18.51 27.68 -33.47
C LEU A 144 -17.91 28.51 -34.59
N GLY A 145 -18.72 28.97 -35.55
CA GLY A 145 -18.19 29.79 -36.62
C GLY A 145 -17.69 31.14 -36.14
N ASP A 146 -18.45 31.80 -35.26
CA ASP A 146 -18.02 33.09 -34.75
C ASP A 146 -16.84 32.96 -33.79
N ALA A 148 -14.32 30.96 -34.17
CA ALA A 148 -13.11 30.88 -34.99
C ALA A 148 -12.61 32.26 -35.37
N LYS A 149 -13.51 33.16 -35.76
CA LYS A 149 -13.11 34.52 -36.12
C LYS A 149 -12.65 35.30 -34.90
N ALA A 150 -13.21 35.00 -33.73
CA ALA A 150 -12.81 35.72 -32.51
C ALA A 150 -11.37 35.41 -32.14
N PHE A 151 -11.02 34.13 -32.00
CA PHE A 151 -9.68 33.75 -31.62
C PHE A 151 -8.67 33.84 -32.75
N ALA A 152 -9.13 34.04 -34.00
CA ALA A 152 -8.20 34.31 -35.09
C ALA A 152 -7.57 35.70 -34.95
N GLN A 153 -8.31 36.65 -34.39
CA GLN A 153 -7.77 37.98 -34.16
C GLN A 153 -6.79 38.00 -32.99
N VAL A 154 -6.91 37.06 -32.06
CA VAL A 154 -6.01 36.98 -30.92
C VAL A 154 -5.32 35.62 -30.92
N PRO A 155 -4.31 35.42 -31.78
CA PRO A 155 -3.62 34.12 -31.79
C PRO A 155 -2.71 33.91 -30.59
N GLU A 156 -2.43 34.95 -29.80
CA GLU A 156 -1.53 34.82 -28.66
C GLU A 156 -2.21 34.35 -27.39
N VAL A 157 -3.53 34.23 -27.38
CA VAL A 157 -4.25 33.72 -26.22
C VAL A 157 -4.42 32.21 -26.39
N THR A 158 -4.32 31.49 -25.27
CA THR A 158 -4.49 30.04 -25.27
C THR A 158 -5.98 29.73 -25.08
N VAL A 159 -6.59 29.12 -26.09
CA VAL A 159 -7.99 28.75 -26.06
C VAL A 159 -8.09 27.23 -26.02
N ILE A 160 -8.95 26.73 -25.13
CA ILE A 160 -9.19 25.29 -24.99
C ILE A 160 -10.64 25.03 -25.36
N ILE A 161 -10.85 24.28 -26.44
CA ILE A 161 -12.19 23.95 -26.89
C ILE A 161 -12.74 22.83 -26.01
N ASP A 162 -13.79 23.13 -25.26
CA ASP A 162 -14.36 22.16 -24.34
C ASP A 162 -15.27 21.18 -25.06
N HIS A 163 -15.11 19.89 -24.76
CA HIS A 163 -16.06 18.85 -25.15
C HIS A 163 -16.22 18.75 -26.67
N LEU A 164 -15.08 18.77 -27.38
CA LEU A 164 -15.06 18.62 -28.83
C LEU A 164 -15.90 19.69 -29.54
N GLY A 165 -16.01 20.87 -28.92
CA GLY A 165 -16.77 21.96 -29.49
C GLY A 165 -18.27 21.85 -29.37
N ASN A 166 -18.79 20.80 -28.72
CA ASN A 166 -20.22 20.58 -28.59
C ASN A 166 -20.90 20.54 -29.96
N VAL A 167 -20.25 19.93 -30.93
CA VAL A 167 -20.76 19.86 -32.30
C VAL A 167 -21.80 18.76 -32.40
N PRO A 168 -22.82 18.91 -33.25
CA PRO A 168 -23.77 17.80 -33.42
C PRO A 168 -23.19 16.63 -34.18
N GLY A 169 -22.43 16.90 -35.25
CA GLY A 169 -21.84 15.84 -36.05
C GLY A 169 -20.93 16.35 -37.14
N LEU A 170 -21.03 15.76 -38.32
CA LEU A 170 -20.19 16.14 -39.46
C LEU A 170 -20.89 17.20 -40.33
N ASP A 171 -21.16 18.34 -39.69
CA ASP A 171 -21.77 19.46 -40.40
C ASP A 171 -20.75 20.16 -41.28
N GLU A 172 -21.23 20.69 -42.41
CA GLU A 172 -20.34 21.43 -43.29
C GLU A 172 -19.89 22.74 -42.67
N GLU A 173 -20.70 23.30 -41.76
CA GLU A 173 -20.29 24.50 -41.04
C GLU A 173 -19.42 24.18 -39.83
N SER A 174 -19.69 23.05 -39.16
CA SER A 174 -18.89 22.69 -37.99
C SER A 174 -17.50 22.21 -38.39
N CYS A 175 -17.40 21.43 -39.47
CA CYS A 175 -16.10 20.98 -39.94
C CYS A 175 -15.23 22.14 -40.40
N ALA A 176 -15.86 23.19 -40.95
CA ALA A 176 -15.10 24.36 -41.38
C ALA A 176 -14.62 25.17 -40.19
N ALA A 177 -15.42 25.24 -39.13
CA ALA A 177 -15.02 25.98 -37.95
C ALA A 177 -13.94 25.25 -37.17
N LEU A 178 -14.07 23.93 -37.04
CA LEU A 178 -13.05 23.15 -36.34
C LEU A 178 -11.73 23.15 -37.10
N ALA A 179 -11.77 23.30 -38.41
CA ALA A 179 -10.53 23.37 -39.19
C ALA A 179 -9.84 24.72 -39.05
N ALA A 180 -10.62 25.80 -38.88
CA ALA A 180 -10.01 27.12 -38.70
C ALA A 180 -9.35 27.24 -37.33
N LEU A 181 -9.97 26.67 -36.30
CA LEU A 181 -9.38 26.71 -34.96
C LEU A 181 -8.10 25.89 -34.89
N ALA A 182 -8.06 24.76 -35.61
CA ALA A 182 -6.87 23.92 -35.62
C ALA A 182 -5.67 24.62 -36.26
N GLU A 183 -5.90 25.70 -37.00
CA GLU A 183 -4.81 26.45 -37.61
C GLU A 183 -4.18 27.45 -36.66
N LEU A 184 -4.80 27.72 -35.52
CA LEU A 184 -4.26 28.66 -34.55
C LEU A 184 -3.12 28.01 -33.77
N PRO A 185 -2.11 28.80 -33.37
CA PRO A 185 -0.94 28.21 -32.72
C PRO A 185 -1.16 27.78 -31.28
N ASN A 186 -2.12 28.37 -30.57
CA ASN A 186 -2.33 28.07 -29.16
C ASN A 186 -3.75 27.55 -28.89
N SER A 187 -4.33 26.85 -29.85
CA SER A 187 -5.65 26.26 -29.68
C SER A 187 -5.53 24.81 -29.22
N TYR A 188 -6.46 24.39 -28.36
CA TYR A 188 -6.49 23.03 -27.86
C TYR A 188 -7.94 22.58 -27.78
N ILE A 189 -8.15 21.26 -27.91
CA ILE A 189 -9.49 20.69 -27.90
C ILE A 189 -9.50 19.47 -26.98
N LYS A 190 -10.57 19.34 -26.20
CA LYS A 190 -10.73 18.24 -25.26
C LYS A 190 -11.62 17.17 -25.86
N VAL A 191 -11.29 15.91 -25.60
CA VAL A 191 -12.08 14.77 -26.06
C VAL A 191 -12.94 14.31 -24.88
N SER A 192 -14.09 14.95 -24.72
CA SER A 192 -15.02 14.58 -23.65
C SER A 192 -16.40 15.11 -24.03
N GLY A 193 -17.23 15.39 -23.01
CA GLY A 193 -18.56 15.92 -23.25
C GLY A 193 -19.61 15.33 -22.34
N ASP A 194 -20.83 15.86 -22.42
CA ASP A 194 -21.95 15.33 -21.64
C ASP A 194 -22.52 14.06 -22.22
N ASN A 195 -21.93 13.52 -23.28
CA ASN A 195 -22.36 12.30 -23.92
C ASN A 195 -21.14 11.48 -24.28
N PRO A 196 -21.29 10.17 -24.46
CA PRO A 196 -20.18 9.36 -24.98
C PRO A 196 -19.74 9.90 -26.34
N VAL A 197 -18.43 10.11 -26.48
CA VAL A 197 -17.89 10.71 -27.69
C VAL A 197 -18.12 9.79 -28.88
N GLY A 198 -18.37 10.40 -30.04
CA GLY A 198 -18.61 9.67 -31.26
C GLY A 198 -17.32 9.38 -32.00
N PRO A 199 -17.11 8.11 -32.35
CA PRO A 199 -15.90 7.76 -33.11
C PRO A 199 -15.66 8.62 -34.34
N ASP A 200 -16.72 9.02 -35.03
CA ASP A 200 -16.55 9.85 -36.23
C ASP A 200 -16.00 11.23 -35.88
N ILE A 201 -16.50 11.83 -34.80
CA ILE A 201 -16.03 13.15 -34.40
C ILE A 201 -14.59 13.08 -33.90
N VAL A 202 -14.27 12.06 -33.11
CA VAL A 202 -12.93 11.93 -32.54
C VAL A 202 -11.89 11.75 -33.64
N LYS A 203 -12.21 10.94 -34.66
CA LYS A 203 -11.25 10.70 -35.72
C LYS A 203 -10.96 11.97 -36.51
N TYR A 204 -11.99 12.76 -36.81
CA TYR A 204 -11.78 14.01 -37.54
C TYR A 204 -11.03 15.04 -36.70
N VAL A 205 -11.26 15.04 -35.38
CA VAL A 205 -10.59 16.01 -34.52
C VAL A 205 -9.09 15.71 -34.44
N ARG A 206 -8.73 14.42 -34.35
CA ARG A 206 -7.31 14.07 -34.23
C ARG A 206 -6.54 14.41 -35.49
N ASP A 207 -7.17 14.27 -36.66
CA ASP A 207 -6.47 14.52 -37.92
C ASP A 207 -6.22 16.01 -38.13
N THR A 208 -7.26 16.83 -37.93
CA THR A 208 -7.13 18.26 -38.22
C THR A 208 -6.35 18.99 -37.13
N PHE A 209 -6.54 18.62 -35.87
CA PHE A 209 -5.83 19.30 -34.79
C PHE A 209 -4.42 18.76 -34.61
N GLY A 210 -4.22 17.46 -34.82
CA GLY A 210 -2.92 16.87 -34.65
C GLY A 210 -2.72 16.29 -33.26
N PRO A 211 -1.67 15.49 -33.08
CA PRO A 211 -1.43 14.84 -31.79
C PRO A 211 -0.86 15.76 -30.72
N LYS A 212 -0.53 17.01 -31.06
CA LYS A 212 0.08 17.93 -30.11
C LYS A 212 -0.91 18.91 -29.50
N LYS A 213 -2.15 18.95 -29.98
CA LYS A 213 -3.14 19.92 -29.52
C LYS A 213 -4.44 19.23 -29.16
N VAL A 214 -4.35 18.04 -28.57
CA VAL A 214 -5.51 17.29 -28.11
C VAL A 214 -5.28 16.88 -26.66
N LEU A 215 -6.23 17.22 -25.79
CA LEU A 215 -6.11 17.02 -24.36
C LEU A 215 -7.04 15.92 -23.89
N TYR A 216 -6.54 15.07 -23.00
CA TYR A 216 -7.40 14.08 -22.34
C TYR A 216 -8.28 14.78 -21.30
N SER A 217 -9.57 14.48 -21.35
CA SER A 217 -10.54 15.08 -20.43
C SER A 217 -11.54 14.01 -20.01
N SER A 218 -11.82 13.93 -18.71
CA SER A 218 -12.78 12.98 -18.18
C SER A 218 -14.17 13.58 -18.00
N ASN A 219 -14.28 14.89 -17.78
CA ASN A 219 -15.55 15.56 -17.50
C ASN A 219 -16.21 14.96 -16.26
N TRP A 220 -15.41 14.47 -15.33
CA TRP A 220 -15.93 13.86 -14.11
C TRP A 220 -16.47 14.96 -13.18
N PRO A 221 -17.59 14.70 -12.47
CA PRO A 221 -18.38 13.47 -12.47
C PRO A 221 -19.57 13.51 -13.43
N VAL A 222 -19.61 14.50 -14.33
CA VAL A 222 -20.70 14.58 -15.29
C VAL A 222 -20.69 13.41 -16.26
N VAL A 223 -19.54 12.78 -16.46
CA VAL A 223 -19.45 11.63 -17.35
C VAL A 223 -20.27 10.46 -16.83
N GLU A 224 -20.58 10.44 -15.53
CA GLU A 224 -21.39 9.37 -14.94
C GLU A 224 -22.89 9.61 -15.12
N LEU A 225 -23.29 10.50 -16.03
CA LEU A 225 -24.70 10.77 -16.28
C LEU A 225 -25.21 9.98 -17.48
N ASN A 226 -24.61 10.18 -18.65
CA ASN A 226 -24.98 9.44 -19.86
C ASN A 226 -23.94 8.37 -20.21
N SER A 227 -22.99 8.11 -19.32
CA SER A 227 -21.96 7.12 -19.61
C SER A 227 -21.36 6.66 -18.28
N THR A 228 -20.09 6.25 -18.30
CA THR A 228 -19.36 5.87 -17.09
C THR A 228 -17.91 6.27 -17.27
N PHE A 229 -17.26 6.65 -16.17
CA PHE A 229 -15.84 6.94 -16.20
C PHE A 229 -15.05 5.76 -16.75
N ALA A 230 -15.34 4.56 -16.26
CA ALA A 230 -14.67 3.37 -16.78
C ALA A 230 -14.94 3.18 -18.26
N THR A 231 -16.17 3.42 -18.70
CA THR A 231 -16.49 3.30 -20.12
C THR A 231 -15.78 4.38 -20.93
N HIS A 232 -15.74 5.62 -20.42
CA HIS A 232 -15.08 6.70 -21.14
C HIS A 232 -13.57 6.54 -21.13
N PHE A 233 -13.00 6.20 -19.97
CA PHE A 233 -11.55 6.08 -19.87
C PHE A 233 -11.02 4.91 -20.70
N GLN A 234 -11.78 3.82 -20.79
CA GLN A 234 -11.35 2.69 -21.59
C GLN A 234 -11.43 3.01 -23.09
N LEU A 235 -12.45 3.75 -23.49
CA LEU A 235 -12.57 4.15 -24.89
C LEU A 235 -11.41 5.04 -25.31
N LEU A 237 -8.34 4.81 -24.01
CA LEU A 237 -7.19 3.92 -24.11
C LEU A 237 -7.22 3.11 -25.40
N ASP A 238 -8.41 2.81 -25.91
CA ASP A 238 -8.51 2.10 -27.18
C ASP A 238 -8.28 3.02 -28.38
N THR A 239 -8.70 4.28 -28.28
CA THR A 239 -8.58 5.20 -29.40
C THR A 239 -7.15 5.74 -29.53
N PHE A 240 -6.59 6.24 -28.43
CA PHE A 240 -5.26 6.85 -28.45
C PHE A 240 -4.15 5.91 -28.01
N GLY A 241 -4.47 4.92 -27.17
CA GLY A 241 -3.41 4.12 -26.59
C GLY A 241 -2.70 4.90 -25.50
N GLU A 242 -1.58 4.33 -25.04
CA GLU A 242 -0.76 4.97 -24.02
C GLU A 242 0.08 6.07 -24.64
N ASP A 243 -0.61 7.17 -24.98
CA ASP A 243 0.00 8.33 -25.60
C ASP A 243 0.38 9.33 -24.52
N GLU A 244 1.67 9.65 -24.44
CA GLU A 244 2.14 10.59 -23.43
C GLU A 244 1.68 12.01 -23.72
N ASP A 245 1.58 12.38 -25.01
CA ASP A 245 1.12 13.72 -25.36
C ASP A 245 -0.35 13.90 -25.03
N PHE A 246 -1.18 12.92 -25.39
CA PHE A 246 -2.62 13.04 -25.16
C PHE A 246 -2.97 13.04 -23.68
N PHE A 247 -2.17 12.36 -22.86
CA PHE A 247 -2.54 12.14 -21.46
C PHE A 247 -1.85 13.07 -20.48
N GLU A 248 -0.77 13.75 -20.87
CA GLU A 248 -0.13 14.67 -19.93
C GLU A 248 0.67 15.78 -20.61
N ASN A 249 1.35 15.47 -21.72
CA ASN A 249 2.31 16.43 -22.26
C ASN A 249 1.62 17.60 -22.95
N ASN A 250 0.48 17.36 -23.61
CA ASN A 250 -0.24 18.47 -24.23
C ASN A 250 -0.83 19.40 -23.18
N ALA A 251 -1.23 18.86 -22.02
CA ALA A 251 -1.76 19.71 -20.96
C ALA A 251 -0.66 20.55 -20.30
N ARG A 252 0.58 20.06 -20.31
CA ARG A 252 1.69 20.81 -19.73
C ARG A 252 2.00 22.06 -20.54
N ARG A 253 1.68 22.06 -21.84
CA ARG A 253 1.92 23.23 -22.67
C ARG A 253 0.71 24.14 -22.75
N ALA A 254 -0.50 23.57 -22.74
CA ALA A 254 -1.70 24.40 -22.79
C ALA A 254 -1.89 25.19 -21.50
N TYR A 255 -1.87 24.51 -20.35
CA TYR A 255 -2.07 25.16 -19.06
C TYR A 255 -0.78 25.59 -18.40
N ASN A 256 0.37 25.36 -19.05
CA ASN A 256 1.67 25.75 -18.51
C ASN A 256 1.91 25.09 -17.14
N ILE A 257 1.76 23.78 -17.11
CA ILE A 257 1.91 23.00 -15.87
C ILE A 257 3.38 22.62 -15.74
N ASP A 258 4.05 23.20 -14.75
CA ASP A 258 5.45 22.90 -14.51
C ASP A 258 5.62 21.55 -13.82
N THR B 5 -17.08 44.71 19.71
CA THR B 5 -15.92 44.81 18.84
C THR B 5 -14.70 44.14 19.48
N LEU B 6 -14.90 42.93 19.97
CA LEU B 6 -13.85 42.18 20.66
C LEU B 6 -13.19 41.19 19.71
N ASN B 7 -11.86 41.08 19.81
CA ASN B 7 -11.10 40.12 19.04
C ASN B 7 -11.02 38.80 19.79
N VAL B 8 -11.31 37.71 19.10
CA VAL B 8 -11.42 36.39 19.71
C VAL B 8 -10.51 35.42 18.98
N ILE B 9 -9.74 34.63 19.72
CA ILE B 9 -8.93 33.55 19.19
C ILE B 9 -9.35 32.27 19.89
N ASP B 10 -9.97 31.36 19.16
CA ASP B 10 -10.42 30.08 19.71
C ASP B 10 -9.22 29.15 19.81
N SER B 11 -8.79 28.86 21.03
CA SER B 11 -7.59 28.05 21.23
C SER B 11 -7.86 26.56 21.22
N HIS B 12 -9.10 26.12 20.97
CA HIS B 12 -9.41 24.69 21.00
C HIS B 12 -10.74 24.47 20.27
N PHE B 13 -10.66 23.93 19.05
CA PHE B 13 -11.85 23.56 18.30
C PHE B 13 -11.52 22.32 17.46
N HIS B 14 -12.58 21.67 16.97
CA HIS B 14 -12.46 20.44 16.21
C HIS B 14 -13.33 20.51 14.96
N ILE B 15 -12.88 19.81 13.92
CA ILE B 15 -13.66 19.61 12.70
C ILE B 15 -13.47 18.16 12.25
N TRP B 16 -14.52 17.58 11.70
CA TRP B 16 -14.44 16.20 11.21
C TRP B 16 -15.55 15.95 10.20
N ASP B 17 -15.42 14.84 9.50
CA ASP B 17 -16.40 14.37 8.52
C ASP B 17 -16.60 12.87 8.71
N PRO B 18 -17.77 12.43 9.16
CA PRO B 18 -17.98 10.99 9.41
C PRO B 18 -17.93 10.13 8.15
N ASP B 19 -18.04 10.73 6.97
CA ASP B 19 -17.99 9.95 5.74
C ASP B 19 -16.56 9.61 5.34
N ALA B 20 -15.70 10.63 5.24
CA ALA B 20 -14.33 10.43 4.80
C ALA B 20 -13.41 9.97 5.93
N GLN B 21 -13.75 10.27 7.18
CA GLN B 21 -12.91 9.93 8.32
C GLN B 21 -13.53 8.81 9.13
N ASP B 22 -12.72 8.24 10.03
CA ASP B 22 -13.13 7.12 10.88
C ASP B 22 -12.86 7.54 12.33
N LEU B 23 -13.93 7.89 13.04
CA LEU B 23 -13.83 8.26 14.45
C LEU B 23 -14.56 7.23 15.30
N PRO B 24 -13.85 6.32 15.97
CA PRO B 24 -14.54 5.28 16.74
C PRO B 24 -15.33 5.81 17.93
N TRP B 25 -14.84 6.87 18.58
CA TRP B 25 -15.53 7.43 19.74
C TRP B 25 -16.84 8.11 19.38
N LEU B 26 -17.11 8.32 18.09
CA LEU B 26 -18.37 8.92 17.66
C LEU B 26 -19.54 7.96 17.76
N ALA B 27 -19.29 6.66 17.92
CA ALA B 27 -20.36 5.70 18.12
C ALA B 27 -21.04 5.94 19.46
N GLY B 28 -22.37 5.83 19.47
CA GLY B 28 -23.14 6.12 20.65
C GLY B 28 -23.43 7.59 20.89
N LEU B 29 -22.85 8.48 20.07
CA LEU B 29 -23.11 9.91 20.17
C LEU B 29 -23.81 10.38 18.90
N PRO B 30 -25.14 10.22 18.80
CA PRO B 30 -25.83 10.60 17.56
C PRO B 30 -25.86 12.10 17.31
N SER B 31 -25.62 12.93 18.32
CA SER B 31 -25.69 14.38 18.15
C SER B 31 -24.50 14.93 17.38
N LEU B 32 -23.33 14.30 17.50
CA LEU B 32 -22.11 14.80 16.89
C LEU B 32 -21.73 14.06 15.61
N GLN B 33 -22.64 13.27 15.05
CA GLN B 33 -22.35 12.51 13.84
C GLN B 33 -22.74 13.31 12.59
N HIS B 34 -22.15 14.50 12.48
CA HIS B 34 -22.37 15.40 11.35
C HIS B 34 -21.03 15.91 10.84
N ARG B 35 -21.05 16.50 9.66
CA ARG B 35 -19.87 17.10 9.07
C ARG B 35 -19.74 18.54 9.57
N TYR B 36 -18.71 18.80 10.36
CA TYR B 36 -18.45 20.13 10.92
C TYR B 36 -17.26 20.74 10.18
N THR B 37 -17.48 21.93 9.62
CA THR B 37 -16.43 22.69 8.95
C THR B 37 -16.09 23.93 9.78
N VAL B 38 -14.95 24.54 9.44
CA VAL B 38 -14.55 25.76 10.13
C VAL B 38 -15.47 26.93 9.78
N ASP B 39 -16.19 26.84 8.66
CA ASP B 39 -17.17 27.87 8.33
C ASP B 39 -18.32 27.86 9.32
N ASP B 40 -18.71 26.67 9.80
CA ASP B 40 -19.79 26.59 10.79
C ASP B 40 -19.40 27.27 12.09
N LEU B 41 -18.14 27.12 12.52
CA LEU B 41 -17.68 27.78 13.72
C LEU B 41 -17.58 29.29 13.52
N ALA B 42 -17.15 29.72 12.33
CA ALA B 42 -17.08 31.14 12.04
C ALA B 42 -18.46 31.78 12.07
N ALA B 43 -19.48 31.04 11.61
CA ALA B 43 -20.85 31.56 11.65
C ALA B 43 -21.35 31.70 13.07
N GLU B 44 -20.88 30.85 13.99
CA GLU B 44 -21.30 30.95 15.38
C GLU B 44 -20.75 32.21 16.03
N TYR B 45 -19.53 32.61 15.68
CA TYR B 45 -18.96 33.84 16.20
C TYR B 45 -19.53 35.09 15.53
N ALA B 46 -20.19 34.92 14.37
CA ALA B 46 -20.79 36.08 13.71
C ALA B 46 -22.07 36.52 14.43
N LYS B 47 -22.77 35.60 15.09
CA LYS B 47 -23.99 35.95 15.81
C LYS B 47 -23.74 36.78 17.05
N PHE B 48 -22.48 36.90 17.49
CA PHE B 48 -22.14 37.71 18.66
C PHE B 48 -21.48 39.04 18.29
N GLY B 49 -21.16 39.25 17.02
CA GLY B 49 -20.55 40.50 16.62
C GLY B 49 -19.12 40.69 17.08
N VAL B 50 -18.39 39.60 17.26
CA VAL B 50 -16.99 39.66 17.67
C VAL B 50 -16.11 39.44 16.44
N ASN B 51 -14.88 39.93 16.53
CA ASN B 51 -13.92 39.81 15.42
C ASN B 51 -13.16 38.50 15.61
N PHE B 52 -13.67 37.44 14.99
CA PHE B 52 -13.08 36.11 15.10
C PHE B 52 -11.79 36.07 14.29
N LEU B 53 -10.65 36.00 14.99
CA LEU B 53 -9.34 36.03 14.36
C LEU B 53 -8.80 34.64 14.02
N GLY B 54 -9.65 33.61 14.06
CA GLY B 54 -9.24 32.27 13.74
C GLY B 54 -9.20 31.37 14.97
N GLY B 55 -8.84 30.11 14.73
CA GLY B 55 -8.87 29.10 15.77
C GLY B 55 -7.63 28.24 15.75
N VAL B 56 -7.53 27.39 16.78
CA VAL B 56 -6.44 26.44 16.93
C VAL B 56 -7.03 25.04 16.88
N TYR B 57 -6.67 24.27 15.86
CA TYR B 57 -7.19 22.92 15.71
C TYR B 57 -6.49 21.96 16.66
N VAL B 58 -7.26 21.05 17.22
CA VAL B 58 -6.74 19.99 18.10
C VAL B 58 -7.17 18.65 17.50
N GLU B 59 -6.29 17.66 17.59
CA GLU B 59 -6.56 16.36 16.97
C GLU B 59 -7.85 15.76 17.51
N VAL B 60 -8.64 15.16 16.60
CA VAL B 60 -9.94 14.63 16.94
C VAL B 60 -9.88 13.14 17.26
N ASP B 61 -8.67 12.59 17.48
CA ASP B 61 -8.48 11.19 17.82
C ASP B 61 -9.09 10.29 16.74
N ALA B 62 -8.63 10.47 15.52
CA ALA B 62 -9.09 9.66 14.40
C ALA B 62 -8.35 8.33 14.34
N ALA B 63 -8.96 7.36 13.66
CA ALA B 63 -8.33 6.05 13.51
C ALA B 63 -7.08 6.14 12.64
N ASP B 64 -7.19 6.80 11.50
CA ASP B 64 -6.08 6.98 10.57
C ASP B 64 -5.49 8.37 10.83
N HIS B 65 -4.37 8.40 11.57
CA HIS B 65 -3.75 9.69 11.88
C HIS B 65 -3.10 10.31 10.66
N GLU B 66 -2.62 9.49 9.72
CA GLU B 66 -2.05 10.04 8.48
C GLU B 66 -3.13 10.71 7.63
N LEU B 67 -4.34 10.15 7.63
CA LEU B 67 -5.45 10.80 6.93
C LEU B 67 -5.78 12.14 7.57
N GLU B 68 -5.72 12.23 8.90
CA GLU B 68 -5.95 13.50 9.56
C GLU B 68 -4.87 14.52 9.20
N ASP B 69 -3.61 14.08 9.15
CA ASP B 69 -2.53 14.98 8.78
C ASP B 69 -2.72 15.54 7.37
N ARG B 70 -3.23 14.71 6.45
CA ARG B 70 -3.42 15.16 5.07
C ARG B 70 -4.60 16.11 4.96
N LEU B 71 -5.73 15.77 5.59
CA LEU B 71 -6.93 16.58 5.46
C LEU B 71 -6.77 17.98 6.03
N LEU B 72 -5.84 18.18 6.97
CA LEU B 72 -5.64 19.50 7.54
C LEU B 72 -4.53 20.28 6.87
N TYR B 73 -3.69 19.64 6.06
CA TYR B 73 -2.85 20.41 5.14
C TYR B 73 -3.69 20.93 3.98
N GLU B 74 -4.52 20.07 3.38
CA GLU B 74 -5.36 20.46 2.26
C GLU B 74 -6.47 21.43 2.67
N ASN B 75 -6.66 21.68 3.97
CA ASN B 75 -7.60 22.68 4.45
C ASN B 75 -6.81 23.97 4.65
N ALA B 76 -6.81 24.82 3.64
CA ALA B 76 -6.08 26.08 3.65
C ALA B 76 -6.94 27.25 4.14
N SER B 77 -7.98 26.97 4.93
CA SER B 77 -8.79 28.05 5.48
C SER B 77 -7.95 28.95 6.36
N PRO B 78 -7.94 30.26 6.13
CA PRO B 78 -7.13 31.15 6.97
C PRO B 78 -7.48 31.10 8.44
N LEU B 79 -8.71 30.69 8.79
CA LEU B 79 -9.13 30.64 10.18
C LEU B 79 -8.43 29.57 10.98
N ILE B 80 -7.75 28.62 10.33
CA ILE B 80 -7.00 27.57 11.04
C ILE B 80 -5.60 28.15 11.29
N LEU B 81 -5.44 28.78 12.45
CA LEU B 81 -4.18 29.44 12.78
C LEU B 81 -3.09 28.42 13.09
N LYS B 82 -3.40 27.44 13.93
CA LYS B 82 -2.45 26.42 14.34
C LYS B 82 -3.09 25.04 14.24
N ARG B 83 -2.25 24.02 14.21
CA ARG B 83 -2.69 22.63 14.09
C ARG B 83 -1.97 21.79 15.13
N LEU B 85 -1.68 18.32 16.01
CA LEU B 85 -1.94 16.95 15.60
C LEU B 85 -1.52 15.98 16.69
N GLN B 86 -1.67 14.68 16.44
CA GLN B 86 -1.42 13.67 17.45
C GLN B 86 -0.09 12.96 17.22
N GLY B 87 0.49 12.48 18.30
CA GLY B 87 1.74 11.74 18.22
C GLY B 87 2.04 11.08 19.54
N ARG B 88 3.22 10.45 19.61
CA ARG B 88 3.69 9.79 20.83
C ARG B 88 5.00 10.44 21.25
N VAL B 89 4.99 11.09 22.41
CA VAL B 89 6.11 11.91 22.84
C VAL B 89 7.34 11.05 23.08
N SER B 90 8.42 11.35 22.37
CA SER B 90 9.70 10.67 22.52
C SER B 90 10.75 11.50 21.80
N PRO B 91 12.03 11.37 22.17
CA PRO B 91 13.07 12.13 21.48
C PRO B 91 13.37 11.59 20.08
N TRP B 92 12.55 10.64 19.61
CA TRP B 92 12.62 10.12 18.26
C TRP B 92 11.25 10.15 17.58
N ARG B 94 7.76 10.82 15.57
CA ARG B 94 7.36 11.24 14.23
C ARG B 94 6.42 12.43 14.35
N VAL B 95 6.83 13.57 13.82
CA VAL B 95 6.06 14.81 13.87
C VAL B 95 5.63 15.16 12.45
N PRO B 96 4.36 15.45 12.19
CA PRO B 96 3.96 15.91 10.86
C PRO B 96 4.64 17.22 10.53
N ILE B 97 5.13 17.33 9.29
CA ILE B 97 5.90 18.50 8.89
C ILE B 97 5.06 19.77 8.87
N ASN B 98 3.73 19.63 8.83
CA ASN B 98 2.84 20.78 8.88
C ASN B 98 2.27 21.04 10.27
N ALA B 99 2.70 20.27 11.27
CA ALA B 99 2.14 20.41 12.61
C ALA B 99 2.83 21.53 13.38
N ASP B 100 2.02 22.31 14.10
CA ASP B 100 2.53 23.35 14.99
C ASP B 100 2.70 22.86 16.41
N GLY B 101 2.12 21.71 16.76
CA GLY B 101 2.22 21.14 18.08
C GLY B 101 1.63 19.76 18.06
N ILE B 102 1.69 19.10 19.22
CA ILE B 102 1.33 17.69 19.31
C ILE B 102 0.58 17.44 20.62
N ARG B 103 -0.50 16.66 20.53
CA ARG B 103 -1.23 16.18 21.70
C ARG B 103 -1.17 14.66 21.71
N GLU B 104 -0.67 14.10 22.82
CA GLU B 104 -0.75 12.66 23.03
C GLU B 104 -1.88 12.39 24.00
N PRO B 105 -2.99 11.79 23.57
CA PRO B 105 -4.10 11.53 24.50
C PRO B 105 -3.69 10.54 25.58
N LEU B 106 -3.83 10.95 26.83
CA LEU B 106 -3.47 10.12 27.97
C LEU B 106 -4.69 9.38 28.52
N HIS B 107 -5.39 8.69 27.63
CA HIS B 107 -6.57 7.90 27.97
C HIS B 107 -7.63 8.75 28.68
N PRO B 112 -1.09 2.27 30.82
CA PRO B 112 -1.84 3.47 30.47
C PRO B 112 -1.65 4.62 31.47
N ARG B 113 -1.52 4.27 32.75
CA ARG B 113 -1.31 5.26 33.80
C ARG B 113 0.18 5.33 34.14
N GLY B 114 0.70 6.55 34.25
CA GLY B 114 2.11 6.77 34.45
C GLY B 114 2.90 7.07 33.19
N ARG B 115 2.23 7.37 32.08
CA ARG B 115 2.93 7.62 30.83
C ARG B 115 3.81 8.87 30.93
N ALA B 116 3.33 9.91 31.60
CA ALA B 116 4.05 11.18 31.66
C ALA B 116 5.34 11.09 32.47
N LEU B 117 5.46 10.10 33.36
CA LEU B 117 6.65 9.97 34.19
C LEU B 117 7.76 9.17 33.53
N GLU B 118 7.50 8.54 32.39
CA GLU B 118 8.53 7.75 31.74
C GLU B 118 9.66 8.64 31.27
N PRO B 119 10.92 8.17 31.33
CA PRO B 119 12.04 9.04 30.94
C PRO B 119 12.04 9.39 29.46
N GLU B 120 11.49 8.55 28.59
CA GLU B 120 11.41 8.91 27.17
C GLU B 120 10.38 10.00 26.94
N PHE B 121 9.37 10.11 27.81
CA PHE B 121 8.41 11.19 27.70
C PHE B 121 9.04 12.52 28.09
N ILE B 122 9.88 12.51 29.13
CA ILE B 122 10.58 13.73 29.54
C ILE B 122 11.56 14.16 28.46
N ALA B 123 12.31 13.19 27.89
CA ALA B 123 13.26 13.52 26.84
C ALA B 123 12.55 14.05 25.60
N GLY B 124 11.35 13.53 25.30
CA GLY B 124 10.59 14.04 24.18
C GLY B 124 10.12 15.46 24.38
N LEU B 125 9.82 15.84 25.63
CA LEU B 125 9.42 17.21 25.90
C LEU B 125 10.56 18.19 25.65
N ARG B 126 11.79 17.80 26.02
CA ARG B 126 12.95 18.64 25.73
C ARG B 126 13.18 18.76 24.23
N ALA B 127 12.89 17.70 23.48
CA ALA B 127 13.04 17.76 22.02
C ALA B 127 11.99 18.66 21.39
N ALA B 129 10.53 21.23 22.85
CA ALA B 129 10.84 22.61 23.22
C ALA B 129 11.94 23.18 22.33
N ALA B 130 12.90 22.35 21.93
CA ALA B 130 13.96 22.82 21.05
C ALA B 130 13.45 23.10 19.64
N LYS B 131 12.31 22.52 19.26
CA LYS B 131 11.71 22.76 17.96
C LYS B 131 10.56 23.76 18.01
N GLY B 132 10.23 24.27 19.19
CA GLY B 132 9.12 25.21 19.33
C GLY B 132 7.76 24.55 19.20
N LEU B 133 7.60 23.34 19.72
CA LEU B 133 6.35 22.62 19.60
C LEU B 133 5.67 22.54 20.96
N PRO B 134 4.57 23.26 21.18
CA PRO B 134 3.83 23.13 22.43
C PRO B 134 3.15 21.78 22.53
N PHE B 135 2.96 21.32 23.76
CA PHE B 135 2.30 20.05 24.03
C PHE B 135 0.91 20.32 24.59
N GLU B 136 -0.09 19.66 24.02
CA GLU B 136 -1.47 19.78 24.47
C GLU B 136 -1.76 18.65 25.46
N LEU B 137 -2.11 19.01 26.69
CA LEU B 137 -2.28 18.05 27.78
C LEU B 137 -3.76 17.84 28.06
N CYS B 138 -4.21 16.59 27.90
CA CYS B 138 -5.59 16.19 28.22
C CYS B 138 -5.51 14.90 29.01
N ASN B 139 -5.53 15.02 30.34
CA ASN B 139 -5.39 13.89 31.24
C ASN B 139 -6.73 13.59 31.93
N ARG B 140 -6.67 12.90 33.07
CA ARG B 140 -7.84 12.51 33.83
C ARG B 140 -7.83 13.23 35.17
N GLY B 141 -8.65 12.74 36.10
CA GLY B 141 -8.79 13.36 37.41
C GLY B 141 -7.58 13.20 38.29
N PRO B 142 -7.39 11.99 38.85
CA PRO B 142 -6.31 11.78 39.83
C PRO B 142 -4.91 11.79 39.23
N GLU B 143 -4.76 12.00 37.92
CA GLU B 143 -3.46 11.94 37.28
C GLU B 143 -2.79 13.31 37.17
N LEU B 144 -3.43 14.38 37.63
CA LEU B 144 -2.83 15.70 37.55
C LEU B 144 -1.58 15.83 38.40
N GLY B 145 -1.44 15.02 39.44
CA GLY B 145 -0.24 15.08 40.27
C GLY B 145 1.01 14.70 39.49
N ASP B 146 0.91 13.65 38.66
CA ASP B 146 2.08 13.21 37.90
C ASP B 146 2.38 14.16 36.75
N ALA B 148 2.15 17.51 36.88
CA ALA B 148 2.99 18.53 37.51
C ALA B 148 4.36 17.97 37.85
N LYS B 149 4.45 16.67 38.15
CA LYS B 149 5.75 16.05 38.38
C LYS B 149 6.60 16.08 37.12
N ALA B 150 6.01 15.76 35.97
CA ALA B 150 6.78 15.64 34.74
C ALA B 150 7.18 17.00 34.19
N PHE B 151 6.21 17.89 33.97
CA PHE B 151 6.50 19.17 33.34
C PHE B 151 7.35 20.08 34.22
N ALA B 152 7.47 19.79 35.51
CA ALA B 152 8.37 20.55 36.35
C ALA B 152 9.83 20.30 35.95
N GLN B 153 10.12 19.12 35.43
CA GLN B 153 11.47 18.80 34.97
C GLN B 153 11.80 19.50 33.65
N VAL B 154 10.78 19.80 32.84
CA VAL B 154 10.98 20.46 31.55
C VAL B 154 10.21 21.78 31.56
N PRO B 155 10.72 22.83 32.20
CA PRO B 155 10.01 24.12 32.18
C PRO B 155 10.10 24.85 30.85
N GLU B 156 11.05 24.48 29.99
CA GLU B 156 11.24 25.17 28.72
C GLU B 156 10.21 24.79 27.66
N VAL B 157 9.45 23.72 27.87
CA VAL B 157 8.42 23.32 26.92
C VAL B 157 7.11 24.00 27.28
N THR B 158 6.32 24.33 26.26
CA THR B 158 5.03 24.96 26.46
C THR B 158 3.96 23.88 26.60
N VAL B 159 3.27 23.88 27.75
CA VAL B 159 2.22 22.91 28.03
C VAL B 159 0.90 23.65 28.12
N ILE B 160 -0.14 23.07 27.50
CA ILE B 160 -1.47 23.65 27.49
C ILE B 160 -2.41 22.65 28.16
N ILE B 161 -2.88 22.98 29.36
CA ILE B 161 -3.80 22.11 30.09
C ILE B 161 -5.19 22.27 29.50
N ASP B 162 -5.76 21.18 28.99
CA ASP B 162 -7.05 21.20 28.33
C ASP B 162 -8.18 20.99 29.32
N HIS B 163 -9.32 21.61 29.01
CA HIS B 163 -10.59 21.31 29.67
C HIS B 163 -10.51 21.48 31.19
N LEU B 164 -9.74 22.49 31.62
CA LEU B 164 -9.49 22.76 33.03
C LEU B 164 -8.88 21.57 33.76
N GLY B 165 -8.27 20.65 33.02
CA GLY B 165 -7.66 19.47 33.59
C GLY B 165 -8.61 18.34 33.89
N ASN B 166 -9.86 18.42 33.42
CA ASN B 166 -10.88 17.41 33.71
C ASN B 166 -11.02 17.19 35.21
N VAL B 167 -10.90 18.26 35.96
CA VAL B 167 -10.87 18.17 37.42
C VAL B 167 -12.29 18.05 37.95
N PRO B 168 -12.58 17.09 38.84
CA PRO B 168 -13.96 16.97 39.33
C PRO B 168 -14.35 18.04 40.34
N GLY B 169 -13.46 18.40 41.25
CA GLY B 169 -13.80 19.39 42.26
C GLY B 169 -12.62 20.18 42.80
N LEU B 170 -12.82 20.90 43.90
CA LEU B 170 -11.78 21.73 44.50
C LEU B 170 -11.06 21.02 45.65
N ASP B 171 -10.89 19.70 45.54
CA ASP B 171 -10.28 18.93 46.61
C ASP B 171 -8.80 19.30 46.78
N GLU B 172 -8.20 18.75 47.83
CA GLU B 172 -6.82 19.09 48.15
C GLU B 172 -5.84 18.55 47.11
N GLU B 173 -6.14 17.37 46.55
CA GLU B 173 -5.24 16.79 45.56
C GLU B 173 -5.23 17.60 44.26
N SER B 174 -6.40 18.12 43.86
CA SER B 174 -6.47 18.87 42.61
C SER B 174 -5.84 20.25 42.74
N CYS B 175 -6.09 20.93 43.86
CA CYS B 175 -5.53 22.26 44.07
C CYS B 175 -4.00 22.21 44.18
N ALA B 176 -3.46 21.09 44.65
CA ALA B 176 -2.01 20.98 44.79
C ALA B 176 -1.33 20.86 43.42
N ALA B 177 -1.95 20.13 42.50
CA ALA B 177 -1.35 19.97 41.17
C ALA B 177 -1.48 21.24 40.35
N LEU B 178 -2.64 21.90 40.42
CA LEU B 178 -2.86 23.13 39.65
C LEU B 178 -1.96 24.25 40.15
N ALA B 179 -1.67 24.30 41.45
CA ALA B 179 -0.79 25.33 41.97
C ALA B 179 0.65 25.12 41.53
N ALA B 180 1.07 23.86 41.39
CA ALA B 180 2.43 23.58 40.92
C ALA B 180 2.56 23.86 39.43
N LEU B 181 1.52 23.53 38.65
CA LEU B 181 1.56 23.80 37.22
C LEU B 181 1.56 25.29 36.93
N ALA B 182 0.82 26.06 37.71
CA ALA B 182 0.78 27.51 37.54
C ALA B 182 2.12 28.17 37.86
N GLU B 183 3.04 27.46 38.51
CA GLU B 183 4.35 27.99 38.83
C GLU B 183 5.32 27.90 37.65
N LEU B 184 4.95 27.19 36.58
CA LEU B 184 5.82 27.00 35.43
C LEU B 184 5.82 28.22 34.52
N PRO B 185 6.95 28.52 33.88
CA PRO B 185 7.00 29.74 33.05
C PRO B 185 6.15 29.67 31.81
N ASN B 186 6.05 28.51 31.17
CA ASN B 186 5.36 28.35 29.89
C ASN B 186 4.20 27.38 30.01
N SER B 187 3.41 27.49 31.07
CA SER B 187 2.24 26.66 31.28
C SER B 187 0.98 27.49 31.08
N TYR B 188 0.02 26.93 30.34
CA TYR B 188 -1.25 27.61 30.07
C TYR B 188 -2.40 26.64 30.32
N ILE B 189 -3.55 27.19 30.66
CA ILE B 189 -4.74 26.40 30.97
C ILE B 189 -5.93 27.00 30.22
N LYS B 190 -6.81 26.13 29.74
CA LYS B 190 -8.00 26.53 28.99
C LYS B 190 -9.23 26.44 29.87
N VAL B 191 -10.21 27.30 29.57
CA VAL B 191 -11.48 27.34 30.30
C VAL B 191 -12.51 26.69 29.37
N SER B 192 -12.61 25.37 29.44
CA SER B 192 -13.57 24.60 28.65
C SER B 192 -13.80 23.27 29.36
N GLY B 193 -14.29 22.29 28.62
CA GLY B 193 -14.51 20.97 29.18
C GLY B 193 -15.66 20.27 28.49
N ASP B 194 -15.75 18.97 28.74
CA ASP B 194 -16.84 18.17 28.19
C ASP B 194 -18.18 18.52 28.82
N ASN B 195 -18.18 19.09 30.03
CA ASN B 195 -19.36 19.56 30.72
C ASN B 195 -19.36 21.08 30.82
N PRO B 196 -20.51 21.69 31.08
CA PRO B 196 -20.51 23.13 31.39
C PRO B 196 -19.59 23.43 32.55
N VAL B 197 -18.67 24.38 32.33
CA VAL B 197 -17.64 24.66 33.33
C VAL B 197 -18.28 25.13 34.63
N GLY B 198 -17.68 24.72 35.75
CA GLY B 198 -18.15 25.12 37.04
C GLY B 198 -17.54 26.44 37.47
N PRO B 199 -18.37 27.34 38.00
CA PRO B 199 -17.83 28.62 38.49
C PRO B 199 -16.84 28.46 39.63
N ASP B 200 -16.86 27.31 40.32
CA ASP B 200 -15.88 27.07 41.37
C ASP B 200 -14.47 26.95 40.79
N ILE B 201 -14.31 26.17 39.72
CA ILE B 201 -12.99 25.93 39.15
C ILE B 201 -12.47 27.18 38.45
N VAL B 202 -13.35 27.87 37.71
CA VAL B 202 -12.90 29.02 36.92
C VAL B 202 -12.31 30.10 37.80
N LYS B 203 -12.91 30.34 38.97
CA LYS B 203 -12.42 31.40 39.85
C LYS B 203 -11.08 31.02 40.47
N TYR B 204 -10.91 29.76 40.87
CA TYR B 204 -9.64 29.33 41.44
C TYR B 204 -8.55 29.26 40.36
N VAL B 205 -8.91 28.88 39.14
CA VAL B 205 -7.92 28.81 38.06
C VAL B 205 -7.40 30.20 37.72
N ARG B 206 -8.30 31.19 37.66
CA ARG B 206 -7.88 32.55 37.33
C ARG B 206 -6.98 33.14 38.42
N ASP B 207 -7.24 32.80 39.68
CA ASP B 207 -6.48 33.41 40.78
C ASP B 207 -5.06 32.87 40.83
N THR B 208 -4.87 31.57 40.61
CA THR B 208 -3.57 30.95 40.76
C THR B 208 -2.73 31.01 39.50
N PHE B 209 -3.36 30.97 38.32
CA PHE B 209 -2.61 31.01 37.07
C PHE B 209 -2.29 32.42 36.60
N GLY B 210 -3.04 33.42 37.05
CA GLY B 210 -2.82 34.79 36.63
C GLY B 210 -3.57 35.11 35.35
N PRO B 211 -3.80 36.41 35.11
CA PRO B 211 -4.56 36.80 33.92
C PRO B 211 -3.80 36.63 32.62
N LYS B 212 -2.47 36.51 32.67
CA LYS B 212 -1.66 36.36 31.47
C LYS B 212 -1.50 34.92 31.03
N LYS B 213 -2.16 33.97 31.71
CA LYS B 213 -1.93 32.55 31.46
C LYS B 213 -3.23 31.77 31.31
N VAL B 214 -4.30 32.44 30.90
CA VAL B 214 -5.60 31.81 30.72
C VAL B 214 -6.00 31.97 29.25
N LEU B 215 -6.45 30.86 28.65
CA LEU B 215 -6.80 30.82 27.24
C LEU B 215 -8.29 30.58 27.07
N TYR B 216 -8.93 31.38 26.21
CA TYR B 216 -10.30 31.10 25.85
C TYR B 216 -10.37 29.92 24.89
N SER B 217 -11.33 29.04 25.11
CA SER B 217 -11.55 27.89 24.25
C SER B 217 -13.02 27.51 24.29
N SER B 218 -13.56 27.14 23.13
CA SER B 218 -14.96 26.79 23.03
C SER B 218 -15.23 25.29 23.09
N ASN B 219 -14.21 24.47 22.80
CA ASN B 219 -14.38 23.01 22.69
C ASN B 219 -15.45 22.65 21.67
N TRP B 220 -15.60 23.49 20.64
CA TRP B 220 -16.57 23.25 19.60
C TRP B 220 -16.10 22.11 18.70
N PRO B 221 -17.02 21.24 18.23
CA PRO B 221 -18.46 21.29 18.47
C PRO B 221 -18.96 20.35 19.56
N VAL B 222 -18.06 19.70 20.31
CA VAL B 222 -18.51 18.80 21.36
C VAL B 222 -19.12 19.54 22.54
N VAL B 223 -19.03 20.86 22.56
CA VAL B 223 -19.74 21.65 23.56
C VAL B 223 -21.24 21.56 23.37
N GLU B 224 -21.70 21.17 22.18
CA GLU B 224 -23.12 21.05 21.88
C GLU B 224 -23.75 19.79 22.47
N LEU B 225 -23.00 19.01 23.26
CA LEU B 225 -23.57 17.82 23.88
C LEU B 225 -24.32 18.16 25.16
N ASN B 226 -23.59 18.52 26.22
CA ASN B 226 -24.19 18.88 27.49
C ASN B 226 -24.60 20.34 27.56
N SER B 227 -24.20 21.16 26.59
CA SER B 227 -24.57 22.57 26.57
C SER B 227 -24.74 23.04 25.12
N THR B 228 -24.39 24.31 24.87
CA THR B 228 -24.42 24.83 23.52
C THR B 228 -23.37 25.94 23.40
N PHE B 229 -22.98 26.24 22.16
CA PHE B 229 -21.96 27.26 21.94
C PHE B 229 -22.44 28.64 22.39
N ALA B 230 -23.73 28.92 22.25
CA ALA B 230 -24.24 30.24 22.60
C ALA B 230 -24.10 30.51 24.09
N THR B 231 -24.45 29.53 24.93
CA THR B 231 -24.41 29.74 26.37
C THR B 231 -22.97 29.75 26.89
N HIS B 232 -22.11 28.91 26.33
CA HIS B 232 -20.73 28.85 26.79
C HIS B 232 -19.99 30.15 26.49
N PHE B 233 -20.14 30.67 25.26
CA PHE B 233 -19.49 31.92 24.91
C PHE B 233 -20.12 33.11 25.65
N GLN B 234 -21.42 33.03 25.92
CA GLN B 234 -22.07 34.09 26.70
C GLN B 234 -21.58 34.07 28.14
N LEU B 235 -21.31 32.89 28.69
CA LEU B 235 -20.82 32.79 30.06
C LEU B 235 -19.41 33.34 30.19
N LEU B 237 -18.19 35.82 28.44
CA LEU B 237 -18.32 37.27 28.41
C LEU B 237 -18.77 37.82 29.76
N ASP B 238 -19.65 37.08 30.46
CA ASP B 238 -20.10 37.52 31.77
C ASP B 238 -19.04 37.31 32.84
N THR B 239 -18.13 36.36 32.64
CA THR B 239 -17.11 36.05 33.63
C THR B 239 -15.84 36.86 33.45
N PHE B 240 -15.38 37.02 32.22
CA PHE B 240 -14.14 37.74 31.94
C PHE B 240 -14.36 39.16 31.42
N GLY B 241 -15.56 39.46 30.91
CA GLY B 241 -15.79 40.74 30.28
C GLY B 241 -15.14 40.82 28.91
N GLU B 242 -14.50 41.94 28.60
CA GLU B 242 -13.76 42.10 27.36
C GLU B 242 -12.27 42.07 27.67
N ASP B 243 -11.80 40.90 28.09
CA ASP B 243 -10.40 40.70 28.45
C ASP B 243 -9.61 40.39 27.18
N GLU B 244 -8.77 41.34 26.77
CA GLU B 244 -7.99 41.14 25.54
C GLU B 244 -6.96 40.04 25.69
N ASP B 245 -6.46 39.82 26.91
CA ASP B 245 -5.49 38.75 27.13
C ASP B 245 -6.17 37.38 27.07
N PHE B 246 -7.32 37.24 27.73
CA PHE B 246 -8.01 35.95 27.76
C PHE B 246 -8.52 35.54 26.39
N PHE B 247 -8.78 36.51 25.51
CA PHE B 247 -9.43 36.20 24.24
C PHE B 247 -8.49 36.18 23.04
N GLU B 248 -7.28 36.76 23.15
CA GLU B 248 -6.37 36.69 22.00
C GLU B 248 -4.90 36.80 22.40
N ASN B 249 -4.57 37.68 23.36
CA ASN B 249 -3.16 37.96 23.63
C ASN B 249 -2.46 36.77 24.27
N ASN B 250 -3.12 36.06 25.17
CA ASN B 250 -2.48 34.90 25.80
C ASN B 250 -2.30 33.77 24.80
N ALA B 251 -3.24 33.61 23.86
CA ALA B 251 -3.08 32.59 22.83
C ALA B 251 -1.93 32.93 21.89
N ARG B 252 -1.64 34.22 21.69
CA ARG B 252 -0.53 34.61 20.84
C ARG B 252 0.82 34.26 21.48
N ARG B 253 0.90 34.27 22.81
CA ARG B 253 2.14 33.91 23.47
C ARG B 253 2.29 32.41 23.63
N ALA B 254 1.18 31.69 23.81
CA ALA B 254 1.25 30.24 24.01
C ALA B 254 1.58 29.53 22.70
N TYR B 255 0.88 29.88 21.63
CA TYR B 255 1.04 29.22 20.35
C TYR B 255 1.95 29.97 19.38
N ASN B 256 2.49 31.12 19.80
CA ASN B 256 3.38 31.93 18.98
C ASN B 256 2.70 32.33 17.66
N ILE B 257 1.55 32.99 17.81
CA ILE B 257 0.77 33.46 16.66
C ILE B 257 1.23 34.88 16.35
N ASP B 258 1.85 35.06 15.18
CA ASP B 258 2.40 36.35 14.77
C ASP B 258 1.30 37.40 14.57
N THR C 5 48.12 13.57 6.17
CA THR C 5 47.02 12.65 6.37
C THR C 5 45.77 13.15 5.64
N LEU C 6 44.74 12.31 5.58
CA LEU C 6 43.51 12.61 4.85
C LEU C 6 42.32 12.52 5.80
N ASN C 7 41.51 13.58 5.81
CA ASN C 7 40.26 13.59 6.57
C ASN C 7 39.14 13.04 5.70
N VAL C 8 38.43 12.04 6.21
CA VAL C 8 37.42 11.31 5.45
C VAL C 8 36.09 11.45 6.17
N ILE C 9 35.04 11.77 5.40
CA ILE C 9 33.66 11.76 5.89
C ILE C 9 32.88 10.81 5.00
N ASP C 10 32.40 9.71 5.60
CA ASP C 10 31.59 8.74 4.87
C ASP C 10 30.18 9.26 4.75
N SER C 11 29.72 9.48 3.51
CA SER C 11 28.40 10.05 3.28
C SER C 11 27.31 9.00 3.17
N HIS C 12 27.64 7.72 3.23
CA HIS C 12 26.63 6.67 3.10
C HIS C 12 27.15 5.39 3.74
N PHE C 13 26.61 5.05 4.91
CA PHE C 13 26.92 3.79 5.56
C PHE C 13 25.69 3.29 6.29
N HIS C 14 25.68 1.98 6.58
CA HIS C 14 24.55 1.34 7.25
C HIS C 14 25.04 0.58 8.47
N ILE C 15 24.16 0.48 9.46
CA ILE C 15 24.36 -0.40 10.61
C ILE C 15 23.04 -1.08 10.91
N TRP C 16 23.10 -2.34 11.33
CA TRP C 16 21.90 -3.07 11.69
C TRP C 16 22.27 -4.25 12.58
N ASP C 17 21.28 -4.73 13.32
CA ASP C 17 21.42 -5.91 14.17
C ASP C 17 20.26 -6.84 13.89
N PRO C 18 20.49 -7.99 13.23
CA PRO C 18 19.38 -8.88 12.90
C PRO C 18 18.72 -9.53 14.11
N ASP C 19 19.34 -9.47 15.29
CA ASP C 19 18.70 -10.00 16.49
C ASP C 19 17.69 -9.03 17.07
N ALA C 20 17.84 -7.72 16.80
CA ALA C 20 16.95 -6.71 17.32
C ALA C 20 16.03 -6.11 16.27
N GLN C 21 16.44 -6.12 15.00
CA GLN C 21 15.66 -5.51 13.93
C GLN C 21 15.21 -6.58 12.94
N ASP C 22 14.04 -6.33 12.34
CA ASP C 22 13.46 -7.24 11.35
C ASP C 22 13.72 -6.64 9.97
N LEU C 23 14.71 -7.19 9.27
CA LEU C 23 15.03 -6.77 7.91
C LEU C 23 14.70 -7.92 6.96
N PRO C 24 13.58 -7.87 6.24
CA PRO C 24 13.20 -9.02 5.40
C PRO C 24 14.03 -9.15 4.14
N TRP C 25 14.64 -8.07 3.66
CA TRP C 25 15.55 -8.16 2.52
C TRP C 25 16.83 -8.92 2.86
N LEU C 26 17.11 -9.14 4.14
CA LEU C 26 18.31 -9.86 4.54
C LEU C 26 18.23 -11.33 4.19
N ALA C 27 17.04 -11.88 4.01
CA ALA C 27 16.89 -13.26 3.59
C ALA C 27 17.43 -13.44 2.18
N GLY C 28 18.27 -14.46 2.00
CA GLY C 28 18.96 -14.66 0.74
C GLY C 28 20.35 -14.05 0.67
N LEU C 29 20.75 -13.29 1.69
CA LEU C 29 22.07 -12.68 1.77
C LEU C 29 22.72 -13.16 3.07
N PRO C 30 23.19 -14.40 3.11
CA PRO C 30 23.76 -14.93 4.37
C PRO C 30 25.02 -14.21 4.83
N SER C 31 25.75 -13.57 3.91
CA SER C 31 26.99 -12.89 4.29
C SER C 31 26.73 -11.57 5.00
N LEU C 32 25.52 -11.03 4.92
CA LEU C 32 25.17 -9.78 5.59
C LEU C 32 24.32 -9.99 6.83
N GLN C 33 24.03 -11.24 7.20
CA GLN C 33 23.23 -11.54 8.38
C GLN C 33 24.10 -11.52 9.64
N HIS C 34 24.66 -10.34 9.91
CA HIS C 34 25.52 -10.13 11.07
C HIS C 34 25.18 -8.78 11.69
N ARG C 35 25.63 -8.59 12.93
CA ARG C 35 25.48 -7.31 13.60
C ARG C 35 26.63 -6.39 13.18
N TYR C 36 26.29 -5.25 12.59
CA TYR C 36 27.27 -4.27 12.16
C TYR C 36 27.11 -3.00 12.99
N THR C 37 28.21 -2.55 13.59
CA THR C 37 28.23 -1.34 14.39
C THR C 37 29.15 -0.31 13.73
N VAL C 38 28.99 0.95 14.16
CA VAL C 38 29.82 2.02 13.62
C VAL C 38 31.28 1.83 14.01
N ASP C 39 31.55 1.12 15.10
CA ASP C 39 32.93 0.83 15.49
C ASP C 39 33.59 -0.13 14.50
N ASP C 40 32.81 -1.02 13.89
CA ASP C 40 33.35 -1.89 12.85
C ASP C 40 33.78 -1.08 11.63
N LEU C 41 33.00 -0.07 11.27
CA LEU C 41 33.39 0.79 10.14
C LEU C 41 34.60 1.64 10.50
N ALA C 42 34.67 2.11 11.75
CA ALA C 42 35.82 2.90 12.17
C ALA C 42 37.11 2.08 12.14
N ALA C 43 37.01 0.79 12.48
CA ALA C 43 38.18 -0.08 12.40
C ALA C 43 38.62 -0.29 10.96
N GLU C 44 37.71 -0.18 10.01
CA GLU C 44 38.08 -0.33 8.60
C GLU C 44 38.91 0.85 8.13
N TYR C 45 38.49 2.07 8.46
CA TYR C 45 39.30 3.24 8.13
C TYR C 45 40.59 3.29 8.91
N ALA C 46 40.65 2.65 10.09
CA ALA C 46 41.88 2.65 10.87
C ALA C 46 42.98 1.86 10.17
N LYS C 47 42.62 0.88 9.35
CA LYS C 47 43.63 0.10 8.63
C LYS C 47 44.32 0.93 7.56
N PHE C 48 43.62 1.90 6.99
CA PHE C 48 44.19 2.78 5.97
C PHE C 48 44.95 3.96 6.54
N GLY C 49 44.89 4.17 7.85
CA GLY C 49 45.58 5.30 8.46
C GLY C 49 45.03 6.65 8.07
N VAL C 50 43.72 6.75 7.87
CA VAL C 50 43.07 8.02 7.54
C VAL C 50 42.32 8.51 8.77
N ASN C 51 42.02 9.81 8.76
CA ASN C 51 41.32 10.45 9.87
C ASN C 51 39.82 10.37 9.60
N PHE C 52 39.16 9.41 10.23
CA PHE C 52 37.73 9.21 10.04
C PHE C 52 36.97 10.20 10.91
N LEU C 53 36.34 11.19 10.27
CA LEU C 53 35.63 12.25 10.97
C LEU C 53 34.18 11.93 11.24
N GLY C 54 33.72 10.73 10.90
CA GLY C 54 32.34 10.33 11.10
C GLY C 54 31.66 9.96 9.80
N GLY C 55 30.40 9.56 9.93
CA GLY C 55 29.63 9.08 8.79
C GLY C 55 28.23 9.63 8.78
N VAL C 56 27.54 9.39 7.66
CA VAL C 56 26.15 9.78 7.46
C VAL C 56 25.33 8.50 7.36
N TYR C 57 24.46 8.27 8.34
CA TYR C 57 23.63 7.07 8.36
C TYR C 57 22.48 7.22 7.38
N VAL C 58 22.19 6.13 6.66
CA VAL C 58 21.05 6.05 5.75
C VAL C 58 20.19 4.88 6.18
N GLU C 59 18.86 5.03 6.05
CA GLU C 59 17.94 4.02 6.52
C GLU C 59 18.19 2.68 5.85
N VAL C 60 17.92 1.61 6.59
CA VAL C 60 18.23 0.25 6.17
C VAL C 60 16.98 -0.51 5.74
N ASP C 61 15.90 0.22 5.41
CA ASP C 61 14.64 -0.40 4.97
C ASP C 61 14.13 -1.40 6.01
N ALA C 62 14.06 -0.95 7.26
CA ALA C 62 13.61 -1.82 8.33
C ALA C 62 12.09 -2.00 8.27
N ALA C 63 11.64 -3.12 8.82
CA ALA C 63 10.20 -3.39 8.86
C ALA C 63 9.49 -2.45 9.82
N ASP C 64 10.14 -2.11 10.93
CA ASP C 64 9.60 -1.18 11.93
C ASP C 64 10.46 0.08 11.88
N HIS C 65 10.00 1.07 11.11
CA HIS C 65 10.76 2.31 10.99
C HIS C 65 10.79 3.08 12.31
N GLU C 66 9.77 2.91 13.15
CA GLU C 66 9.79 3.56 14.46
C GLU C 66 10.84 2.96 15.37
N LEU C 67 11.07 1.65 15.26
CA LEU C 67 12.17 1.03 16.01
C LEU C 67 13.52 1.54 15.51
N GLU C 68 13.64 1.77 14.19
CA GLU C 68 14.88 2.31 13.65
C GLU C 68 15.14 3.72 14.15
N ASP C 69 14.08 4.54 14.26
CA ASP C 69 14.24 5.90 14.77
C ASP C 69 14.73 5.88 16.21
N ARG C 70 14.21 4.95 17.02
CA ARG C 70 14.62 4.89 18.43
C ARG C 70 16.05 4.37 18.56
N LEU C 71 16.41 3.35 17.78
CA LEU C 71 17.74 2.76 17.90
C LEU C 71 18.84 3.74 17.53
N LEU C 72 18.55 4.69 16.64
CA LEU C 72 19.58 5.64 16.23
C LEU C 72 19.58 6.92 17.05
N TYR C 73 18.51 7.19 17.81
CA TYR C 73 18.61 8.20 18.85
C TYR C 73 19.48 7.70 20.00
N GLU C 74 19.22 6.47 20.45
CA GLU C 74 19.96 5.87 21.56
C GLU C 74 21.40 5.53 21.19
N ASN C 75 21.77 5.62 19.91
CA ASN C 75 23.15 5.42 19.48
C ASN C 75 23.83 6.78 19.46
N ALA C 76 24.39 7.18 20.60
CA ALA C 76 25.04 8.47 20.75
C ALA C 76 26.50 8.45 20.33
N SER C 77 26.86 7.57 19.40
CA SER C 77 28.25 7.53 18.93
C SER C 77 28.59 8.83 18.22
N PRO C 78 29.73 9.46 18.54
CA PRO C 78 30.09 10.71 17.86
C PRO C 78 30.33 10.53 16.38
N LEU C 79 30.61 9.31 15.91
CA LEU C 79 30.88 9.08 14.50
C LEU C 79 29.64 9.12 13.63
N ILE C 80 28.45 9.18 14.22
CA ILE C 80 27.21 9.30 13.46
C ILE C 80 26.88 10.78 13.35
N LEU C 81 27.28 11.39 12.23
CA LEU C 81 27.12 12.83 12.05
C LEU C 81 25.69 13.19 11.69
N LYS C 82 25.10 12.48 10.72
CA LYS C 82 23.74 12.74 10.26
C LYS C 82 22.97 11.44 10.19
N ARG C 83 21.65 11.56 10.20
CA ARG C 83 20.74 10.41 10.17
C ARG C 83 19.70 10.63 9.09
N LEU C 85 16.73 9.07 7.91
CA LEU C 85 15.70 8.08 8.19
C LEU C 85 14.67 8.07 7.05
N GLN C 86 13.83 7.04 7.04
CA GLN C 86 12.90 6.85 5.94
C GLN C 86 11.57 7.53 6.23
N GLY C 87 10.86 7.84 5.14
CA GLY C 87 9.56 8.48 5.24
C GLY C 87 8.92 8.55 3.86
N ARG C 88 7.66 8.96 3.85
CA ARG C 88 6.90 9.12 2.62
C ARG C 88 6.75 10.61 2.33
N VAL C 89 7.32 11.05 1.21
CA VAL C 89 7.40 12.47 0.89
C VAL C 89 6.00 13.02 0.66
N SER C 90 5.64 14.05 1.43
CA SER C 90 4.37 14.76 1.28
C SER C 90 4.43 16.00 2.15
N PRO C 91 3.65 17.04 1.83
CA PRO C 91 3.64 18.24 2.66
C PRO C 91 2.94 18.05 4.00
N TRP C 92 2.60 16.81 4.33
CA TRP C 92 2.06 16.45 5.64
C TRP C 92 2.78 15.24 6.23
N ARG C 94 5.26 12.51 8.13
CA ARG C 94 5.74 12.28 9.49
C ARG C 94 7.26 12.19 9.48
N VAL C 95 7.93 13.23 9.94
CA VAL C 95 9.38 13.27 10.01
C VAL C 95 9.80 13.03 11.45
N PRO C 96 10.76 12.14 11.71
CA PRO C 96 11.23 11.94 13.08
C PRO C 96 11.87 13.21 13.62
N ILE C 97 11.64 13.48 14.91
CA ILE C 97 12.14 14.70 15.52
C ILE C 97 13.66 14.73 15.59
N ASN C 98 14.32 13.58 15.45
CA ASN C 98 15.77 13.50 15.48
C ASN C 98 16.37 13.30 14.09
N ALA C 99 15.55 13.35 13.05
CA ALA C 99 16.04 13.08 11.69
C ALA C 99 16.70 14.31 11.10
N ASP C 100 17.83 14.10 10.42
CA ASP C 100 18.50 15.14 9.67
C ASP C 100 18.08 15.18 8.21
N GLY C 101 17.48 14.11 7.72
CA GLY C 101 17.03 14.06 6.34
C GLY C 101 16.12 12.87 6.14
N ILE C 102 15.61 12.74 4.92
CA ILE C 102 14.63 11.71 4.58
C ILE C 102 15.07 11.00 3.31
N ARG C 103 14.92 9.67 3.31
CA ARG C 103 15.03 8.87 2.09
C ARG C 103 13.73 8.09 1.90
N GLU C 104 13.11 8.25 0.74
CA GLU C 104 12.00 7.40 0.35
C GLU C 104 12.48 6.42 -0.71
N PRO C 105 12.46 5.12 -0.43
CA PRO C 105 12.92 4.14 -1.43
C PRO C 105 12.03 4.16 -2.67
N LEU C 106 12.62 4.51 -3.81
CA LEU C 106 11.94 4.51 -5.09
C LEU C 106 12.33 3.30 -5.94
N HIS C 107 12.59 2.16 -5.29
CA HIS C 107 13.04 0.94 -5.96
C HIS C 107 14.29 1.19 -6.81
N PRO C 112 4.93 1.56 -6.85
CA PRO C 112 4.57 1.96 -8.21
C PRO C 112 5.67 2.77 -8.90
N ARG C 113 5.55 2.94 -10.21
CA ARG C 113 6.50 3.71 -11.00
C ARG C 113 5.95 5.12 -11.24
N GLY C 114 6.84 6.11 -11.18
CA GLY C 114 6.44 7.49 -11.35
C GLY C 114 6.09 8.21 -10.07
N ARG C 115 6.63 7.77 -8.93
CA ARG C 115 6.27 8.37 -7.65
C ARG C 115 6.81 9.79 -7.54
N ALA C 116 7.95 10.08 -8.16
CA ALA C 116 8.53 11.41 -8.08
C ALA C 116 7.72 12.46 -8.84
N LEU C 117 6.92 12.04 -9.82
CA LEU C 117 6.15 12.98 -10.63
C LEU C 117 4.83 13.38 -9.96
N GLU C 118 4.42 12.69 -8.90
CA GLU C 118 3.17 13.03 -8.24
C GLU C 118 3.25 14.43 -7.64
N PRO C 119 2.15 15.20 -7.68
CA PRO C 119 2.21 16.57 -7.17
C PRO C 119 2.42 16.65 -5.67
N GLU C 120 1.96 15.64 -4.90
CA GLU C 120 2.23 15.64 -3.47
C GLU C 120 3.68 15.33 -3.16
N PHE C 121 4.39 14.65 -4.07
CA PHE C 121 5.82 14.46 -3.90
C PHE C 121 6.58 15.76 -4.15
N ILE C 122 6.14 16.53 -5.14
CA ILE C 122 6.77 17.82 -5.43
C ILE C 122 6.53 18.78 -4.27
N ALA C 123 5.29 18.85 -3.77
CA ALA C 123 5.00 19.71 -2.64
C ALA C 123 5.72 19.27 -1.38
N GLY C 124 5.94 17.96 -1.22
CA GLY C 124 6.68 17.47 -0.07
C GLY C 124 8.13 17.92 -0.08
N LEU C 125 8.74 17.97 -1.28
CA LEU C 125 10.12 18.43 -1.39
C LEU C 125 10.24 19.89 -0.98
N ARG C 126 9.23 20.71 -1.31
CA ARG C 126 9.26 22.12 -0.93
C ARG C 126 9.19 22.28 0.59
N ALA C 127 8.25 21.59 1.23
CA ALA C 127 8.17 21.64 2.69
C ALA C 127 9.43 21.09 3.34
N ALA C 129 12.48 21.31 1.99
CA ALA C 129 13.49 22.35 1.82
C ALA C 129 13.31 23.48 2.81
N ALA C 130 12.06 23.77 3.21
CA ALA C 130 11.83 24.82 4.19
C ALA C 130 12.34 24.44 5.56
N LYS C 131 12.34 23.15 5.89
CA LYS C 131 12.86 22.66 7.16
C LYS C 131 14.36 22.35 7.10
N GLY C 132 15.00 22.56 5.96
CA GLY C 132 16.41 22.24 5.83
C GLY C 132 16.72 20.76 5.79
N LEU C 133 15.76 19.93 5.37
CA LEU C 133 15.94 18.48 5.34
C LEU C 133 16.30 18.05 3.93
N PRO C 134 17.49 17.51 3.69
CA PRO C 134 17.82 17.00 2.37
C PRO C 134 17.10 15.70 2.09
N PHE C 135 16.96 15.39 0.80
CA PHE C 135 16.33 14.16 0.35
C PHE C 135 17.38 13.23 -0.25
N GLU C 136 17.30 11.95 0.11
CA GLU C 136 18.22 10.94 -0.36
C GLU C 136 17.54 10.14 -1.47
N LEU C 137 18.07 10.23 -2.68
CA LEU C 137 17.44 9.67 -3.87
C LEU C 137 18.11 8.34 -4.24
N CYS C 138 17.37 7.25 -4.13
CA CYS C 138 17.81 5.94 -4.58
C CYS C 138 16.72 5.35 -5.48
N ASN C 139 17.04 5.14 -6.75
CA ASN C 139 16.04 4.80 -7.74
C ASN C 139 16.58 3.69 -8.65
N ARG C 140 15.73 3.25 -9.58
CA ARG C 140 16.12 2.29 -10.59
C ARG C 140 16.78 2.99 -11.77
N GLY C 141 17.40 2.19 -12.64
CA GLY C 141 18.15 2.69 -13.76
C GLY C 141 17.33 3.54 -14.74
N PRO C 142 16.39 2.91 -15.45
CA PRO C 142 15.66 3.65 -16.50
C PRO C 142 14.80 4.79 -15.99
N GLU C 143 14.53 4.87 -14.69
CA GLU C 143 13.67 5.91 -14.14
C GLU C 143 14.42 7.16 -13.75
N LEU C 144 15.69 7.29 -14.14
CA LEU C 144 16.47 8.46 -13.75
C LEU C 144 16.00 9.73 -14.47
N GLY C 145 15.42 9.58 -15.66
CA GLY C 145 14.92 10.74 -16.38
C GLY C 145 13.75 11.41 -15.67
N ASP C 146 12.87 10.61 -15.07
CA ASP C 146 11.74 11.18 -14.33
C ASP C 146 12.22 11.92 -13.08
N ALA C 148 14.90 13.68 -12.89
CA ALA C 148 15.37 14.97 -13.37
C ALA C 148 14.20 15.95 -13.52
N LYS C 149 13.06 15.46 -14.00
CA LYS C 149 11.89 16.33 -14.15
C LYS C 149 11.34 16.75 -12.79
N ALA C 150 11.36 15.85 -11.81
CA ALA C 150 10.78 16.16 -10.52
C ALA C 150 11.62 17.17 -9.76
N PHE C 151 12.92 16.90 -9.61
CA PHE C 151 13.78 17.78 -8.84
C PHE C 151 14.12 19.08 -9.55
N ALA C 152 13.79 19.20 -10.84
CA ALA C 152 13.95 20.49 -11.52
C ALA C 152 12.89 21.48 -11.06
N GLN C 153 11.70 20.99 -10.68
CA GLN C 153 10.65 21.89 -10.21
C GLN C 153 10.95 22.42 -8.81
N VAL C 154 11.73 21.69 -8.03
CA VAL C 154 12.11 22.12 -6.68
C VAL C 154 13.63 22.22 -6.60
N PRO C 155 14.24 23.31 -7.09
CA PRO C 155 15.69 23.44 -6.99
C PRO C 155 16.19 23.83 -5.61
N GLU C 156 15.32 24.26 -4.71
CA GLU C 156 15.75 24.70 -3.38
C GLU C 156 16.01 23.52 -2.44
N VAL C 157 15.50 22.33 -2.74
CA VAL C 157 15.73 21.17 -1.90
C VAL C 157 17.08 20.55 -2.26
N THR C 158 17.77 20.04 -1.26
CA THR C 158 19.05 19.38 -1.45
C THR C 158 18.82 17.90 -1.74
N VAL C 159 19.18 17.46 -2.94
CA VAL C 159 18.99 16.07 -3.37
C VAL C 159 20.36 15.42 -3.50
N ILE C 160 20.51 14.26 -2.88
CA ILE C 160 21.74 13.48 -2.93
C ILE C 160 21.45 12.20 -3.70
N ILE C 161 22.07 12.06 -4.86
CA ILE C 161 21.84 10.90 -5.73
C ILE C 161 22.68 9.74 -5.25
N ASP C 162 22.04 8.64 -4.84
CA ASP C 162 22.73 7.51 -4.28
C ASP C 162 23.28 6.59 -5.36
N HIS C 163 24.52 6.14 -5.16
CA HIS C 163 25.12 5.05 -5.95
C HIS C 163 25.13 5.36 -7.44
N LEU C 164 25.53 6.60 -7.78
CA LEU C 164 25.68 7.03 -9.17
C LEU C 164 24.37 6.90 -9.95
N GLY C 165 23.25 7.03 -9.27
CA GLY C 165 21.95 6.92 -9.91
C GLY C 165 21.54 5.53 -10.34
N ASN C 166 22.35 4.51 -10.02
CA ASN C 166 22.05 3.11 -10.39
C ASN C 166 21.88 2.96 -11.90
N VAL C 167 22.70 3.68 -12.66
CA VAL C 167 22.64 3.64 -14.12
C VAL C 167 23.26 2.34 -14.61
N PRO C 168 22.67 1.68 -15.61
CA PRO C 168 23.31 0.47 -16.16
C PRO C 168 24.61 0.77 -16.89
N GLY C 169 24.64 1.84 -17.69
CA GLY C 169 25.83 2.26 -18.39
C GLY C 169 25.71 3.68 -18.93
N LEU C 170 26.33 3.95 -20.07
CA LEU C 170 26.24 5.27 -20.70
C LEU C 170 25.12 5.26 -21.75
N ASP C 171 23.90 5.08 -21.26
CA ASP C 171 22.74 5.10 -22.13
C ASP C 171 22.50 6.51 -22.66
N GLU C 172 21.81 6.59 -23.79
CA GLU C 172 21.36 7.88 -24.29
C GLU C 172 20.35 8.53 -23.36
N GLU C 173 19.64 7.73 -22.56
CA GLU C 173 18.73 8.26 -21.56
C GLU C 173 19.46 8.61 -20.26
N SER C 174 20.49 7.85 -19.90
CA SER C 174 21.18 8.08 -18.63
C SER C 174 22.07 9.31 -18.69
N CYS C 175 22.80 9.48 -19.79
CA CYS C 175 23.70 10.63 -19.90
C CYS C 175 22.92 11.94 -19.89
N ALA C 176 21.73 11.95 -20.49
CA ALA C 176 20.92 13.17 -20.51
C ALA C 176 20.32 13.47 -19.15
N ALA C 177 19.96 12.43 -18.39
CA ALA C 177 19.36 12.65 -17.08
C ALA C 177 20.40 13.12 -16.07
N LEU C 178 21.61 12.56 -16.12
CA LEU C 178 22.67 12.99 -15.21
C LEU C 178 23.09 14.42 -15.49
N ALA C 179 23.07 14.85 -16.76
CA ALA C 179 23.44 16.23 -17.08
C ALA C 179 22.39 17.22 -16.59
N ALA C 180 21.12 16.83 -16.63
CA ALA C 180 20.06 17.71 -16.16
C ALA C 180 20.13 17.89 -14.64
N LEU C 181 20.35 16.79 -13.91
CA LEU C 181 20.47 16.89 -12.46
C LEU C 181 21.73 17.66 -12.05
N ALA C 182 22.79 17.58 -12.85
CA ALA C 182 24.01 18.33 -12.55
C ALA C 182 23.82 19.83 -12.72
N GLU C 183 22.78 20.26 -13.44
CA GLU C 183 22.49 21.68 -13.58
C GLU C 183 21.86 22.28 -12.33
N LEU C 184 21.28 21.44 -11.47
CA LEU C 184 20.63 21.94 -10.26
C LEU C 184 21.68 22.51 -9.29
N PRO C 185 21.32 23.53 -8.52
CA PRO C 185 22.29 24.14 -7.61
C PRO C 185 22.52 23.36 -6.33
N ASN C 186 21.59 22.51 -5.92
CA ASN C 186 21.68 21.78 -4.65
C ASN C 186 21.66 20.28 -4.89
N SER C 187 22.28 19.82 -5.97
CA SER C 187 22.31 18.41 -6.33
C SER C 187 23.69 17.83 -6.03
N TYR C 188 23.71 16.65 -5.44
CA TYR C 188 24.93 15.92 -5.13
C TYR C 188 24.78 14.48 -5.58
N ILE C 189 25.92 13.83 -5.82
CA ILE C 189 25.92 12.44 -6.28
C ILE C 189 27.04 11.70 -5.54
N LYS C 190 26.78 10.44 -5.23
CA LYS C 190 27.72 9.59 -4.50
C LYS C 190 28.40 8.62 -5.45
N VAL C 191 29.67 8.33 -5.19
CA VAL C 191 30.44 7.41 -6.01
C VAL C 191 30.52 6.10 -5.22
N SER C 192 29.50 5.27 -5.39
CA SER C 192 29.42 3.97 -4.73
C SER C 192 28.42 3.12 -5.49
N GLY C 193 28.03 2.00 -4.90
CA GLY C 193 27.06 1.12 -5.52
C GLY C 193 27.12 -0.26 -4.89
N ASP C 194 26.11 -1.07 -5.26
CA ASP C 194 26.05 -2.44 -4.78
C ASP C 194 27.11 -3.32 -5.43
N ASN C 195 27.50 -3.00 -6.66
CA ASN C 195 28.57 -3.65 -7.38
C ASN C 195 29.75 -2.70 -7.55
N PRO C 196 30.93 -3.23 -7.88
CA PRO C 196 32.08 -2.35 -8.13
C PRO C 196 31.76 -1.29 -9.18
N VAL C 197 32.08 -0.04 -8.85
CA VAL C 197 31.73 1.07 -9.73
C VAL C 197 32.55 1.01 -11.00
N GLY C 198 31.95 1.44 -12.11
CA GLY C 198 32.61 1.47 -13.39
C GLY C 198 33.46 2.72 -13.55
N PRO C 199 34.69 2.54 -14.05
CA PRO C 199 35.56 3.71 -14.23
C PRO C 199 35.05 4.69 -15.27
N ASP C 200 34.34 4.22 -16.29
CA ASP C 200 33.74 5.13 -17.26
C ASP C 200 32.62 5.95 -16.65
N ILE C 201 31.87 5.37 -15.71
CA ILE C 201 30.80 6.11 -15.04
C ILE C 201 31.39 7.20 -14.16
N VAL C 202 32.43 6.86 -13.39
CA VAL C 202 33.03 7.82 -12.47
C VAL C 202 33.65 8.99 -13.23
N LYS C 203 34.35 8.69 -14.34
CA LYS C 203 35.00 9.74 -15.11
C LYS C 203 33.98 10.70 -15.70
N TYR C 204 32.83 10.18 -16.13
CA TYR C 204 31.80 11.03 -16.71
C TYR C 204 31.10 11.87 -15.64
N VAL C 205 30.89 11.30 -14.46
CA VAL C 205 30.20 12.02 -13.40
C VAL C 205 31.04 13.18 -12.89
N ARG C 206 32.36 12.98 -12.77
CA ARG C 206 33.23 14.05 -12.30
C ARG C 206 33.26 15.22 -13.27
N ASP C 207 33.12 14.95 -14.58
CA ASP C 207 33.19 16.02 -15.57
C ASP C 207 31.89 16.81 -15.63
N THR C 208 30.75 16.14 -15.50
CA THR C 208 29.46 16.81 -15.63
C THR C 208 28.96 17.42 -14.33
N PHE C 209 29.26 16.80 -13.19
CA PHE C 209 28.80 17.33 -11.90
C PHE C 209 29.78 18.34 -11.32
N GLY C 210 31.08 18.12 -11.50
CA GLY C 210 32.08 19.03 -10.99
C GLY C 210 32.73 18.53 -9.71
N PRO C 211 33.84 19.14 -9.32
CA PRO C 211 34.56 18.69 -8.12
C PRO C 211 33.90 19.08 -6.81
N LYS C 212 32.92 19.98 -6.83
CA LYS C 212 32.29 20.48 -5.61
C LYS C 212 30.99 19.76 -5.26
N LYS C 213 30.49 18.87 -6.12
CA LYS C 213 29.22 18.22 -5.90
C LYS C 213 29.33 16.71 -6.08
N VAL C 214 30.49 16.15 -5.78
CA VAL C 214 30.73 14.71 -5.82
C VAL C 214 31.11 14.26 -4.42
N LEU C 215 30.33 13.34 -3.86
CA LEU C 215 30.50 12.90 -2.48
C LEU C 215 31.14 11.52 -2.43
N TYR C 216 32.04 11.33 -1.47
CA TYR C 216 32.59 10.01 -1.21
C TYR C 216 31.62 9.21 -0.34
N SER C 217 31.43 7.94 -0.69
CA SER C 217 30.57 7.06 0.09
C SER C 217 31.08 5.63 -0.08
N SER C 218 31.04 4.87 1.01
CA SER C 218 31.52 3.50 1.01
C SER C 218 30.42 2.47 0.80
N ASN C 219 29.18 2.81 1.12
CA ASN C 219 28.06 1.86 1.07
C ASN C 219 28.32 0.63 1.93
N TRP C 220 29.04 0.83 3.04
CA TRP C 220 29.35 -0.23 3.99
C TRP C 220 28.13 -0.54 4.84
N PRO C 221 27.87 -1.83 5.16
CA PRO C 221 28.65 -3.00 4.75
C PRO C 221 28.13 -3.69 3.49
N VAL C 222 27.31 -3.00 2.70
CA VAL C 222 26.81 -3.59 1.46
C VAL C 222 27.96 -3.77 0.46
N VAL C 223 29.00 -2.94 0.57
CA VAL C 223 30.14 -3.05 -0.34
C VAL C 223 30.87 -4.37 -0.15
N GLU C 224 30.71 -5.02 1.00
CA GLU C 224 31.32 -6.33 1.25
C GLU C 224 30.59 -7.46 0.54
N LEU C 225 29.54 -7.16 -0.22
CA LEU C 225 28.78 -8.21 -0.89
C LEU C 225 29.48 -8.66 -2.17
N ASN C 226 29.59 -7.75 -3.15
CA ASN C 226 30.23 -8.04 -4.42
C ASN C 226 31.63 -7.46 -4.51
N SER C 227 32.19 -6.97 -3.40
CA SER C 227 33.51 -6.36 -3.41
C SER C 227 34.09 -6.40 -1.99
N THR C 228 34.85 -5.37 -1.64
CA THR C 228 35.46 -5.27 -0.33
C THR C 228 35.65 -3.78 -0.01
N PHE C 229 35.47 -3.42 1.26
CA PHE C 229 35.68 -2.04 1.68
C PHE C 229 37.06 -1.54 1.29
N ALA C 230 38.10 -2.34 1.55
CA ALA C 230 39.46 -1.94 1.21
C ALA C 230 39.61 -1.78 -0.30
N THR C 231 38.89 -2.57 -1.09
CA THR C 231 38.97 -2.44 -2.54
C THR C 231 38.32 -1.15 -3.01
N HIS C 232 37.15 -0.80 -2.46
CA HIS C 232 36.47 0.42 -2.87
C HIS C 232 37.22 1.66 -2.42
N PHE C 233 37.68 1.68 -1.17
CA PHE C 233 38.36 2.86 -0.65
C PHE C 233 39.70 3.09 -1.36
N GLN C 234 40.43 2.00 -1.63
CA GLN C 234 41.69 2.15 -2.36
C GLN C 234 41.44 2.64 -3.79
N LEU C 235 40.34 2.19 -4.41
CA LEU C 235 40.02 2.65 -5.75
C LEU C 235 39.69 4.14 -5.76
N LEU C 237 41.04 6.33 -3.75
CA LEU C 237 42.31 7.02 -3.57
C LEU C 237 43.09 7.10 -4.88
N ASP C 238 43.07 6.04 -5.67
CA ASP C 238 43.77 6.06 -6.95
C ASP C 238 43.01 6.86 -8.01
N THR C 239 41.73 7.14 -7.79
CA THR C 239 40.93 7.88 -8.76
C THR C 239 40.89 9.37 -8.45
N PHE C 240 40.70 9.74 -7.19
CA PHE C 240 40.58 11.14 -6.80
C PHE C 240 41.84 11.70 -6.15
N GLY C 241 42.72 10.84 -5.63
CA GLY C 241 43.83 11.32 -4.86
C GLY C 241 43.38 11.88 -3.53
N GLU C 242 44.29 12.64 -2.90
CA GLU C 242 43.99 13.30 -1.63
C GLU C 242 43.18 14.56 -1.90
N ASP C 243 41.95 14.35 -2.38
CA ASP C 243 41.02 15.42 -2.71
C ASP C 243 40.21 15.74 -1.45
N GLU C 244 40.46 16.91 -0.85
CA GLU C 244 39.77 17.27 0.38
C GLU C 244 38.30 17.57 0.13
N ASP C 245 37.96 18.10 -1.05
CA ASP C 245 36.56 18.36 -1.36
C ASP C 245 35.78 17.06 -1.49
N PHE C 246 36.35 16.07 -2.18
CA PHE C 246 35.63 14.82 -2.42
C PHE C 246 35.47 13.99 -1.16
N PHE C 247 36.39 14.10 -0.21
CA PHE C 247 36.41 13.22 0.95
C PHE C 247 35.77 13.84 2.20
N GLU C 248 35.55 15.16 2.24
CA GLU C 248 34.91 15.74 3.41
C GLU C 248 34.21 17.07 3.13
N ASN C 249 34.83 17.93 2.33
CA ASN C 249 34.34 19.30 2.21
C ASN C 249 33.00 19.36 1.49
N ASN C 250 32.82 18.56 0.43
CA ASN C 250 31.54 18.55 -0.26
C ASN C 250 30.44 17.97 0.62
N ALA C 251 30.77 16.98 1.46
CA ALA C 251 29.78 16.44 2.39
C ALA C 251 29.38 17.48 3.43
N ARG C 252 30.30 18.35 3.82
CA ARG C 252 29.97 19.40 4.78
C ARG C 252 28.96 20.40 4.20
N ARG C 253 29.06 20.67 2.90
CA ARG C 253 28.11 21.58 2.27
C ARG C 253 26.78 20.90 1.97
N ALA C 254 26.81 19.62 1.62
CA ALA C 254 25.58 18.91 1.27
C ALA C 254 24.72 18.65 2.50
N TYR C 255 25.31 18.04 3.54
CA TYR C 255 24.57 17.65 4.73
C TYR C 255 24.62 18.70 5.83
N ASN C 256 25.30 19.83 5.61
CA ASN C 256 25.42 20.90 6.61
C ASN C 256 26.05 20.38 7.89
N ILE C 257 27.29 19.92 7.76
CA ILE C 257 28.04 19.34 8.88
C ILE C 257 28.99 20.41 9.41
N ASP C 258 28.86 20.72 10.69
CA ASP C 258 29.69 21.74 11.32
C ASP C 258 30.97 21.14 11.89
N THR D 5 -26.42 -7.61 -3.47
CA THR D 5 -25.11 -8.17 -3.78
C THR D 5 -25.20 -9.13 -4.96
N LEU D 6 -24.10 -9.24 -5.71
CA LEU D 6 -24.05 -10.01 -6.95
C LEU D 6 -23.14 -11.22 -6.78
N ASN D 7 -23.58 -12.35 -7.32
CA ASN D 7 -22.77 -13.56 -7.37
C ASN D 7 -21.96 -13.58 -8.67
N VAL D 8 -20.68 -13.92 -8.54
CA VAL D 8 -19.75 -13.87 -9.67
C VAL D 8 -19.02 -15.21 -9.75
N ILE D 9 -18.93 -15.75 -10.96
CA ILE D 9 -18.15 -16.95 -11.26
C ILE D 9 -17.17 -16.59 -12.36
N ASP D 10 -15.88 -16.55 -12.02
CA ASP D 10 -14.83 -16.24 -13.00
C ASP D 10 -14.58 -17.46 -13.88
N SER D 11 -14.85 -17.34 -15.17
CA SER D 11 -14.73 -18.48 -16.07
C SER D 11 -13.33 -18.65 -16.64
N HIS D 12 -12.38 -17.78 -16.29
CA HIS D 12 -11.03 -17.89 -16.84
C HIS D 12 -10.07 -17.12 -15.95
N PHE D 13 -9.22 -17.83 -15.22
CA PHE D 13 -8.16 -17.21 -14.44
C PHE D 13 -6.96 -18.15 -14.39
N HIS D 14 -5.81 -17.62 -13.98
CA HIS D 14 -4.58 -18.38 -13.90
C HIS D 14 -3.93 -18.16 -12.54
N ILE D 15 -3.12 -19.15 -12.13
CA ILE D 15 -2.23 -19.04 -10.98
C ILE D 15 -0.94 -19.75 -11.34
N TRP D 16 0.18 -19.22 -10.84
CA TRP D 16 1.47 -19.85 -11.09
C TRP D 16 2.48 -19.35 -10.07
N ASP D 17 3.62 -20.04 -10.02
CA ASP D 17 4.75 -19.68 -9.17
C ASP D 17 6.00 -19.75 -10.03
N PRO D 18 6.67 -18.63 -10.28
CA PRO D 18 7.87 -18.66 -11.15
C PRO D 18 9.01 -19.48 -10.57
N ASP D 19 9.02 -19.73 -9.27
CA ASP D 19 10.09 -20.53 -8.67
C ASP D 19 9.85 -22.02 -8.86
N ALA D 20 8.62 -22.49 -8.59
CA ALA D 20 8.32 -23.91 -8.68
C ALA D 20 8.00 -24.35 -10.10
N GLN D 21 7.58 -23.44 -10.98
CA GLN D 21 7.16 -23.79 -12.32
C GLN D 21 8.03 -23.10 -13.36
N ASP D 22 8.10 -23.72 -14.54
CA ASP D 22 8.88 -23.21 -15.66
C ASP D 22 7.91 -22.73 -16.73
N LEU D 23 7.67 -21.42 -16.76
CA LEU D 23 6.81 -20.81 -17.76
C LEU D 23 7.69 -20.09 -18.78
N PRO D 24 7.95 -20.68 -19.95
CA PRO D 24 8.86 -20.03 -20.91
C PRO D 24 8.31 -18.73 -21.47
N TRP D 25 6.99 -18.58 -21.54
CA TRP D 25 6.40 -17.35 -22.06
C TRP D 25 6.53 -16.18 -21.10
N LEU D 26 7.02 -16.41 -19.88
CA LEU D 26 7.25 -15.33 -18.93
C LEU D 26 8.52 -14.54 -19.21
N ALA D 27 9.34 -14.99 -20.17
CA ALA D 27 10.56 -14.26 -20.51
C ALA D 27 10.20 -12.94 -21.17
N GLY D 28 10.78 -11.86 -20.66
CA GLY D 28 10.48 -10.53 -21.18
C GLY D 28 9.24 -9.89 -20.62
N LEU D 29 8.60 -10.51 -19.64
CA LEU D 29 7.40 -9.97 -19.00
C LEU D 29 7.63 -9.89 -17.49
N PRO D 30 8.44 -8.93 -17.04
CA PRO D 30 8.72 -8.84 -15.59
C PRO D 30 7.53 -8.39 -14.76
N SER D 31 6.47 -7.85 -15.38
CA SER D 31 5.28 -7.46 -14.64
C SER D 31 4.50 -8.67 -14.12
N LEU D 32 4.70 -9.85 -14.71
CA LEU D 32 3.98 -11.05 -14.31
C LEU D 32 4.87 -12.10 -13.67
N GLN D 33 6.17 -11.83 -13.52
CA GLN D 33 7.09 -12.77 -12.90
C GLN D 33 6.97 -12.72 -11.37
N HIS D 34 5.78 -13.05 -10.90
CA HIS D 34 5.48 -13.07 -9.47
C HIS D 34 4.63 -14.30 -9.17
N ARG D 35 4.53 -14.63 -7.89
CA ARG D 35 3.69 -15.73 -7.44
C ARG D 35 2.26 -15.23 -7.26
N TYR D 36 1.34 -15.78 -8.07
CA TYR D 36 -0.07 -15.43 -8.00
C TYR D 36 -0.84 -16.63 -7.47
N THR D 37 -1.64 -16.40 -6.44
CA THR D 37 -2.47 -17.43 -5.83
C THR D 37 -3.94 -17.08 -6.00
N VAL D 38 -4.79 -18.07 -5.75
CA VAL D 38 -6.23 -17.85 -5.86
C VAL D 38 -6.73 -16.91 -4.77
N ASP D 39 -6.01 -16.80 -3.64
CA ASP D 39 -6.38 -15.85 -2.61
C ASP D 39 -6.15 -14.42 -3.08
N ASP D 40 -5.13 -14.20 -3.92
CA ASP D 40 -4.92 -12.87 -4.49
C ASP D 40 -6.09 -12.47 -5.38
N LEU D 41 -6.63 -13.42 -6.14
CA LEU D 41 -7.78 -13.13 -6.98
C LEU D 41 -9.02 -12.86 -6.14
N ALA D 42 -9.22 -13.63 -5.07
CA ALA D 42 -10.39 -13.44 -4.22
C ALA D 42 -10.35 -12.07 -3.53
N ALA D 43 -9.17 -11.57 -3.21
CA ALA D 43 -9.07 -10.25 -2.61
C ALA D 43 -9.43 -9.15 -3.60
N GLU D 44 -9.22 -9.39 -4.90
CA GLU D 44 -9.60 -8.42 -5.90
C GLU D 44 -11.12 -8.27 -5.97
N TYR D 45 -11.85 -9.40 -5.95
CA TYR D 45 -13.30 -9.34 -5.92
C TYR D 45 -13.83 -8.79 -4.61
N ALA D 46 -13.06 -8.89 -3.52
CA ALA D 46 -13.52 -8.38 -2.23
C ALA D 46 -13.61 -6.86 -2.23
N LYS D 47 -12.77 -6.18 -3.02
CA LYS D 47 -12.82 -4.73 -3.07
C LYS D 47 -14.12 -4.22 -3.68
N PHE D 48 -14.75 -5.02 -4.55
CA PHE D 48 -16.01 -4.65 -5.17
C PHE D 48 -17.22 -5.05 -4.35
N GLY D 49 -17.04 -5.86 -3.30
CA GLY D 49 -18.16 -6.28 -2.50
C GLY D 49 -19.08 -7.28 -3.15
N VAL D 50 -18.59 -8.04 -4.12
CA VAL D 50 -19.38 -9.06 -4.78
C VAL D 50 -19.12 -10.40 -4.10
N ASN D 51 -20.05 -11.33 -4.29
CA ASN D 51 -19.94 -12.66 -3.70
C ASN D 51 -19.23 -13.57 -4.70
N PHE D 52 -17.90 -13.59 -4.61
CA PHE D 52 -17.09 -14.40 -5.51
C PHE D 52 -17.29 -15.87 -5.18
N LEU D 53 -17.94 -16.60 -6.09
CA LEU D 53 -18.28 -18.00 -5.88
C LEU D 53 -17.22 -18.96 -6.39
N GLY D 54 -16.07 -18.45 -6.80
CA GLY D 54 -15.01 -19.29 -7.32
C GLY D 54 -14.76 -19.06 -8.80
N GLY D 55 -13.72 -19.74 -9.30
CA GLY D 55 -13.29 -19.54 -10.67
C GLY D 55 -12.99 -20.84 -11.37
N VAL D 56 -12.70 -20.73 -12.66
CA VAL D 56 -12.34 -21.86 -13.51
C VAL D 56 -10.87 -21.67 -13.92
N TYR D 57 -10.02 -22.58 -13.48
CA TYR D 57 -8.61 -22.52 -13.82
C TYR D 57 -8.38 -23.00 -15.25
N VAL D 58 -7.52 -22.28 -15.97
CA VAL D 58 -7.11 -22.66 -17.31
C VAL D 58 -5.60 -22.87 -17.29
N GLU D 59 -5.12 -23.83 -18.08
CA GLU D 59 -3.71 -24.18 -18.07
C GLU D 59 -2.85 -22.98 -18.46
N VAL D 60 -1.69 -22.87 -17.81
CA VAL D 60 -0.81 -21.71 -17.97
C VAL D 60 0.33 -21.98 -18.95
N ASP D 61 0.22 -23.04 -19.75
CA ASP D 61 1.23 -23.40 -20.74
C ASP D 61 2.60 -23.58 -20.09
N ALA D 62 2.63 -24.43 -19.06
CA ALA D 62 3.86 -24.71 -18.36
C ALA D 62 4.71 -25.71 -19.15
N ALA D 63 6.00 -25.74 -18.82
CA ALA D 63 6.91 -26.66 -19.49
C ALA D 63 6.64 -28.10 -19.07
N ASP D 64 6.41 -28.33 -17.78
CA ASP D 64 6.12 -29.65 -17.25
C ASP D 64 4.63 -29.72 -16.95
N HIS D 65 3.86 -30.28 -17.89
CA HIS D 65 2.41 -30.36 -17.71
C HIS D 65 2.04 -31.32 -16.58
N GLU D 66 2.85 -32.36 -16.35
CA GLU D 66 2.58 -33.25 -15.23
C GLU D 66 2.74 -32.54 -13.90
N LEU D 67 3.72 -31.63 -13.82
CA LEU D 67 3.87 -30.82 -12.62
C LEU D 67 2.67 -29.92 -12.41
N GLU D 68 2.11 -29.39 -13.50
CA GLU D 68 0.90 -28.58 -13.40
C GLU D 68 -0.28 -29.42 -12.94
N ASP D 69 -0.38 -30.66 -13.42
CA ASP D 69 -1.45 -31.54 -12.98
C ASP D 69 -1.37 -31.82 -11.49
N ARG D 70 -0.16 -32.06 -10.98
CA ARG D 70 0.00 -32.35 -9.56
C ARG D 70 -0.25 -31.13 -8.69
N LEU D 71 0.28 -29.98 -9.10
CA LEU D 71 0.14 -28.77 -8.29
C LEU D 71 -1.31 -28.35 -8.13
N LEU D 72 -2.14 -28.61 -9.12
CA LEU D 72 -3.54 -28.21 -9.05
C LEU D 72 -4.44 -29.26 -8.42
N TYR D 73 -3.98 -30.49 -8.27
CA TYR D 73 -4.65 -31.39 -7.34
C TYR D 73 -4.35 -31.01 -5.90
N GLU D 74 -3.06 -30.79 -5.60
CA GLU D 74 -2.65 -30.42 -4.25
C GLU D 74 -3.17 -29.05 -3.82
N ASN D 75 -3.68 -28.26 -4.76
CA ASN D 75 -4.35 -27.00 -4.43
C ASN D 75 -5.83 -27.30 -4.26
N ALA D 76 -6.23 -27.62 -3.04
CA ALA D 76 -7.61 -27.97 -2.72
C ALA D 76 -8.44 -26.75 -2.33
N SER D 77 -8.12 -25.58 -2.86
CA SER D 77 -8.88 -24.38 -2.55
C SER D 77 -10.31 -24.53 -3.06
N PRO D 78 -11.32 -24.26 -2.23
CA PRO D 78 -12.70 -24.36 -2.71
C PRO D 78 -13.01 -23.43 -3.87
N LEU D 79 -12.29 -22.32 -3.98
CA LEU D 79 -12.56 -21.33 -5.02
C LEU D 79 -12.17 -21.80 -6.41
N ILE D 80 -11.51 -22.96 -6.53
CA ILE D 80 -11.19 -23.54 -7.83
C ILE D 80 -12.33 -24.49 -8.19
N LEU D 81 -13.31 -23.99 -8.95
CA LEU D 81 -14.48 -24.77 -9.30
C LEU D 81 -14.16 -25.84 -10.34
N LYS D 82 -13.46 -25.45 -11.40
CA LYS D 82 -13.12 -26.36 -12.48
C LYS D 82 -11.66 -26.18 -12.87
N ARG D 83 -11.11 -27.20 -13.52
CA ARG D 83 -9.71 -27.22 -13.92
C ARG D 83 -9.62 -27.59 -15.40
N LEU D 85 -7.08 -28.37 -17.89
CA LEU D 85 -5.67 -28.72 -17.98
C LEU D 85 -5.25 -28.95 -19.43
N GLN D 86 -3.94 -29.08 -19.63
CA GLN D 86 -3.37 -29.17 -20.97
C GLN D 86 -3.51 -30.58 -21.52
N GLY D 87 -3.70 -30.67 -22.83
CA GLY D 87 -3.82 -31.95 -23.50
C GLY D 87 -3.81 -31.76 -25.00
N ARG D 88 -3.67 -32.88 -25.70
CA ARG D 88 -3.67 -32.90 -27.16
C ARG D 88 -4.87 -33.73 -27.62
N VAL D 89 -5.79 -33.09 -28.35
CA VAL D 89 -7.07 -33.70 -28.66
C VAL D 89 -6.87 -34.88 -29.59
N SER D 90 -7.36 -36.05 -29.17
CA SER D 90 -7.34 -37.29 -29.95
C SER D 90 -8.21 -38.32 -29.24
N PRO D 91 -8.80 -39.27 -29.95
CA PRO D 91 -9.62 -40.30 -29.29
C PRO D 91 -8.83 -41.27 -28.43
N TRP D 92 -7.52 -41.08 -28.28
CA TRP D 92 -6.70 -41.88 -27.37
C TRP D 92 -5.92 -40.98 -26.41
N ARG D 94 -4.38 -38.55 -23.42
CA ARG D 94 -4.14 -38.71 -21.99
C ARG D 94 -4.73 -37.51 -21.26
N VAL D 95 -5.79 -37.74 -20.51
CA VAL D 95 -6.48 -36.70 -19.75
C VAL D 95 -6.15 -36.89 -18.27
N PRO D 96 -5.78 -35.84 -17.54
CA PRO D 96 -5.58 -36.00 -16.09
C PRO D 96 -6.88 -36.42 -15.42
N ILE D 97 -6.76 -37.33 -14.45
CA ILE D 97 -7.94 -37.88 -13.80
C ILE D 97 -8.67 -36.83 -12.97
N ASN D 98 -7.99 -35.75 -12.58
CA ASN D 98 -8.62 -34.67 -11.84
C ASN D 98 -9.04 -33.51 -12.75
N ALA D 99 -8.86 -33.64 -14.06
CA ALA D 99 -9.19 -32.56 -14.98
C ALA D 99 -10.68 -32.54 -15.27
N ASP D 100 -11.23 -31.34 -15.41
CA ASP D 100 -12.62 -31.16 -15.80
C ASP D 100 -12.78 -30.85 -17.28
N GLY D 101 -11.72 -30.39 -17.93
CA GLY D 101 -11.74 -30.10 -19.35
C GLY D 101 -10.32 -30.02 -19.87
N ILE D 102 -10.20 -29.77 -21.17
CA ILE D 102 -8.91 -29.75 -21.86
C ILE D 102 -8.82 -28.49 -22.72
N ARG D 103 -7.66 -27.83 -22.67
CA ARG D 103 -7.32 -26.79 -23.61
C ARG D 103 -6.06 -27.19 -24.38
N GLU D 104 -6.15 -27.19 -25.71
CA GLU D 104 -4.98 -27.41 -26.55
C GLU D 104 -4.60 -26.08 -27.19
N PRO D 105 -3.43 -25.53 -26.87
CA PRO D 105 -3.04 -24.25 -27.49
C PRO D 105 -2.85 -24.36 -28.98
N LEU D 106 -3.72 -23.71 -29.75
CA LEU D 106 -3.67 -23.73 -31.21
C LEU D 106 -2.91 -22.53 -31.75
N HIS D 107 -1.71 -22.32 -31.24
CA HIS D 107 -0.84 -21.21 -31.62
C HIS D 107 -1.54 -19.86 -31.46
N ARG D 113 -0.30 -25.02 -38.13
CA ARG D 113 -1.60 -24.57 -38.62
C ARG D 113 -2.35 -25.72 -39.29
N GLY D 114 -3.68 -25.71 -39.17
CA GLY D 114 -4.50 -26.76 -39.72
C GLY D 114 -4.84 -27.87 -38.75
N ARG D 115 -4.67 -27.66 -37.44
CA ARG D 115 -4.95 -28.70 -36.46
C ARG D 115 -6.43 -29.04 -36.44
N ALA D 116 -7.30 -28.05 -36.62
CA ALA D 116 -8.74 -28.27 -36.56
C ALA D 116 -9.28 -29.06 -37.74
N LEU D 117 -8.44 -29.37 -38.74
CA LEU D 117 -8.86 -30.15 -39.89
C LEU D 117 -8.46 -31.61 -39.79
N GLU D 118 -7.59 -31.98 -38.85
CA GLU D 118 -7.15 -33.35 -38.73
C GLU D 118 -8.28 -34.22 -38.20
N PRO D 119 -8.46 -35.43 -38.73
CA PRO D 119 -9.57 -36.27 -38.27
C PRO D 119 -9.42 -36.73 -36.83
N GLU D 120 -8.20 -36.92 -36.33
CA GLU D 120 -8.02 -37.29 -34.94
C GLU D 120 -8.44 -36.17 -33.99
N PHE D 121 -8.42 -34.92 -34.45
CA PHE D 121 -8.94 -33.82 -33.63
C PHE D 121 -10.46 -33.90 -33.54
N ILE D 122 -11.13 -34.15 -34.67
CA ILE D 122 -12.58 -34.28 -34.66
C ILE D 122 -13.00 -35.49 -33.84
N ALA D 123 -12.30 -36.61 -34.03
CA ALA D 123 -12.62 -37.81 -33.24
C ALA D 123 -12.37 -37.59 -31.76
N GLY D 124 -11.33 -36.82 -31.42
CA GLY D 124 -11.07 -36.54 -30.02
C GLY D 124 -12.15 -35.70 -29.38
N LEU D 125 -12.73 -34.77 -30.14
CA LEU D 125 -13.83 -33.97 -29.61
C LEU D 125 -15.04 -34.84 -29.28
N ARG D 126 -15.32 -35.84 -30.13
CA ARG D 126 -16.40 -36.76 -29.83
C ARG D 126 -16.11 -37.56 -28.56
N ALA D 127 -14.85 -37.96 -28.36
CA ALA D 127 -14.49 -38.69 -27.16
C ALA D 127 -14.65 -37.83 -25.92
N ALA D 129 -16.72 -35.28 -25.59
CA ALA D 129 -18.14 -35.06 -25.38
C ALA D 129 -18.77 -36.23 -24.62
N ALA D 130 -18.37 -37.46 -24.95
CA ALA D 130 -18.88 -38.63 -24.26
C ALA D 130 -18.40 -38.72 -22.82
N LYS D 131 -17.41 -37.92 -22.43
CA LYS D 131 -16.91 -37.89 -21.06
C LYS D 131 -17.36 -36.67 -20.29
N GLY D 132 -18.11 -35.77 -20.92
CA GLY D 132 -18.47 -34.52 -20.27
C GLY D 132 -17.36 -33.51 -20.18
N LEU D 133 -16.34 -33.62 -21.04
CA LEU D 133 -15.20 -32.72 -21.00
C LEU D 133 -15.40 -31.61 -22.02
N PRO D 134 -15.52 -30.36 -21.59
CA PRO D 134 -15.58 -29.25 -22.56
C PRO D 134 -14.19 -28.88 -23.06
N PHE D 135 -14.14 -28.38 -24.29
CA PHE D 135 -12.90 -27.96 -24.91
C PHE D 135 -12.76 -26.45 -24.81
N GLU D 136 -11.59 -25.99 -24.39
CA GLU D 136 -11.29 -24.57 -24.25
C GLU D 136 -10.57 -24.12 -25.51
N LEU D 137 -11.27 -23.38 -26.37
CA LEU D 137 -10.74 -22.96 -27.66
C LEU D 137 -10.07 -21.61 -27.53
N CYS D 138 -8.74 -21.57 -27.68
CA CYS D 138 -7.98 -20.34 -27.71
C CYS D 138 -7.51 -20.10 -29.14
N ASN D 139 -7.68 -18.87 -29.61
CA ASN D 139 -7.31 -18.48 -30.97
C ASN D 139 -8.08 -19.32 -32.00
N GLY D 141 -4.42 -15.81 -35.00
CA GLY D 141 -5.51 -14.87 -34.98
C GLY D 141 -6.65 -15.25 -35.90
N PRO D 142 -6.68 -14.65 -37.09
CA PRO D 142 -7.74 -14.96 -38.05
C PRO D 142 -7.69 -16.41 -38.54
N GLU D 143 -8.09 -17.34 -37.67
CA GLU D 143 -8.16 -18.75 -38.02
C GLU D 143 -9.47 -19.40 -37.58
N LEU D 144 -10.45 -18.60 -37.18
CA LEU D 144 -11.73 -19.13 -36.72
C LEU D 144 -12.54 -19.80 -37.83
N GLY D 145 -12.15 -19.64 -39.09
CA GLY D 145 -12.88 -20.28 -40.17
C GLY D 145 -12.86 -21.79 -40.05
N ASP D 146 -11.67 -22.38 -39.92
CA ASP D 146 -11.56 -23.83 -39.77
C ASP D 146 -12.16 -24.30 -38.45
N ALA D 148 -14.91 -23.10 -36.90
CA ALA D 148 -16.36 -23.20 -37.02
C ALA D 148 -16.78 -24.47 -37.75
N LYS D 149 -16.04 -24.84 -38.80
CA LYS D 149 -16.34 -26.06 -39.54
C LYS D 149 -15.95 -27.31 -38.77
N ALA D 150 -14.99 -27.20 -37.84
CA ALA D 150 -14.60 -28.36 -37.04
C ALA D 150 -15.66 -28.68 -35.99
N PHE D 151 -16.05 -27.67 -35.20
CA PHE D 151 -17.02 -27.92 -34.12
C PHE D 151 -18.43 -28.06 -34.66
N ALA D 152 -18.68 -27.68 -35.91
CA ALA D 152 -19.98 -27.96 -36.52
C ALA D 152 -20.17 -29.45 -36.75
N GLN D 153 -19.06 -30.19 -36.95
CA GLN D 153 -19.15 -31.63 -37.09
C GLN D 153 -19.44 -32.30 -35.74
N VAL D 154 -19.01 -31.69 -34.65
CA VAL D 154 -19.22 -32.24 -33.31
C VAL D 154 -20.03 -31.24 -32.49
N PRO D 155 -21.35 -31.16 -32.69
CA PRO D 155 -22.17 -30.24 -31.86
C PRO D 155 -22.39 -30.73 -30.45
N GLU D 156 -22.06 -31.98 -30.14
CA GLU D 156 -22.30 -32.53 -28.80
C GLU D 156 -21.23 -32.12 -27.80
N VAL D 157 -20.06 -31.67 -28.27
CA VAL D 157 -19.00 -31.23 -27.37
C VAL D 157 -19.23 -29.76 -27.03
N THR D 158 -18.86 -29.38 -25.81
CA THR D 158 -19.01 -28.01 -25.34
C THR D 158 -17.73 -27.25 -25.69
N VAL D 159 -17.82 -26.34 -26.65
CA VAL D 159 -16.69 -25.51 -27.05
C VAL D 159 -16.84 -24.14 -26.38
N ILE D 160 -15.74 -23.64 -25.83
CA ILE D 160 -15.73 -22.38 -25.09
C ILE D 160 -14.66 -21.49 -25.71
N ILE D 161 -15.09 -20.44 -26.40
CA ILE D 161 -14.19 -19.58 -27.15
C ILE D 161 -13.52 -18.61 -26.19
N ASP D 162 -12.19 -18.64 -26.13
CA ASP D 162 -11.43 -17.82 -25.19
C ASP D 162 -11.17 -16.44 -25.77
N HIS D 163 -11.48 -15.41 -24.98
CA HIS D 163 -11.03 -14.04 -25.24
C HIS D 163 -11.54 -13.53 -26.59
N LEU D 164 -12.86 -13.61 -26.80
CA LEU D 164 -13.54 -13.10 -27.99
C LEU D 164 -12.98 -13.70 -29.29
N GLY D 165 -12.37 -14.89 -29.22
CA GLY D 165 -11.79 -15.46 -30.41
C GLY D 165 -10.47 -14.85 -30.82
N ASN D 166 -9.96 -13.88 -30.07
CA ASN D 166 -8.71 -13.18 -30.38
C ASN D 166 -8.76 -12.55 -31.77
N VAL D 167 -9.90 -11.95 -32.09
CA VAL D 167 -10.08 -11.30 -33.39
C VAL D 167 -9.45 -9.92 -33.33
N PRO D 168 -8.71 -9.50 -34.36
CA PRO D 168 -8.16 -8.13 -34.33
C PRO D 168 -9.23 -7.07 -34.49
N GLY D 169 -10.18 -7.30 -35.38
CA GLY D 169 -11.26 -6.35 -35.60
C GLY D 169 -12.44 -7.04 -36.24
N LEU D 170 -13.49 -6.26 -36.49
CA LEU D 170 -14.72 -6.77 -37.09
C LEU D 170 -14.49 -6.99 -38.58
N ASP D 171 -13.90 -8.15 -38.89
CA ASP D 171 -13.66 -8.53 -40.28
C ASP D 171 -14.95 -9.05 -40.91
N GLU D 172 -14.87 -9.30 -42.22
CA GLU D 172 -15.97 -9.95 -42.92
C GLU D 172 -15.96 -11.45 -42.70
N GLU D 173 -14.77 -12.04 -42.56
CA GLU D 173 -14.64 -13.46 -42.28
C GLU D 173 -14.69 -13.78 -40.79
N SER D 174 -14.35 -12.81 -39.93
CA SER D 174 -14.46 -13.03 -38.49
C SER D 174 -15.90 -13.02 -38.03
N CYS D 175 -16.70 -12.09 -38.57
CA CYS D 175 -18.12 -12.06 -38.22
C CYS D 175 -18.85 -13.29 -38.72
N ALA D 176 -18.45 -13.83 -39.88
CA ALA D 176 -19.08 -15.05 -40.38
C ALA D 176 -18.67 -16.27 -39.56
N ALA D 177 -17.42 -16.30 -39.10
CA ALA D 177 -16.98 -17.41 -38.27
C ALA D 177 -17.58 -17.34 -36.87
N LEU D 178 -17.69 -16.13 -36.32
CA LEU D 178 -18.33 -15.98 -35.01
C LEU D 178 -19.82 -16.30 -35.09
N ALA D 179 -20.48 -15.94 -36.19
CA ALA D 179 -21.89 -16.26 -36.34
C ALA D 179 -22.10 -17.77 -36.52
N ALA D 180 -21.20 -18.43 -37.24
CA ALA D 180 -21.31 -19.88 -37.41
C ALA D 180 -21.11 -20.60 -36.08
N LEU D 181 -20.18 -20.12 -35.25
CA LEU D 181 -19.97 -20.72 -33.95
C LEU D 181 -21.16 -20.48 -33.02
N ALA D 182 -21.76 -19.30 -33.10
CA ALA D 182 -22.91 -18.97 -32.26
C ALA D 182 -24.12 -19.82 -32.59
N GLU D 183 -24.15 -20.46 -33.76
CA GLU D 183 -25.26 -21.33 -34.13
C GLU D 183 -25.22 -22.67 -33.41
N LEU D 184 -24.06 -23.06 -32.88
CA LEU D 184 -23.92 -24.36 -32.23
C LEU D 184 -24.68 -24.39 -30.91
N PRO D 185 -25.23 -25.55 -30.53
CA PRO D 185 -26.04 -25.61 -29.31
C PRO D 185 -25.23 -25.55 -28.02
N ASN D 186 -23.94 -25.86 -28.06
CA ASN D 186 -23.12 -25.91 -26.85
C ASN D 186 -21.89 -25.03 -26.98
N SER D 187 -22.00 -23.91 -27.68
CA SER D 187 -20.90 -22.99 -27.87
C SER D 187 -21.02 -21.83 -26.89
N TYR D 188 -19.89 -21.43 -26.32
CA TYR D 188 -19.82 -20.31 -25.40
C TYR D 188 -18.64 -19.43 -25.76
N ILE D 189 -18.73 -18.15 -25.40
CA ILE D 189 -17.70 -17.17 -25.71
C ILE D 189 -17.43 -16.33 -24.48
N LYS D 190 -16.16 -16.00 -24.25
CA LYS D 190 -15.73 -15.25 -23.08
C LYS D 190 -15.46 -13.80 -23.44
N VAL D 191 -15.79 -12.90 -22.53
CA VAL D 191 -15.55 -11.47 -22.72
C VAL D 191 -14.32 -11.06 -21.93
N SER D 192 -13.14 -11.28 -22.52
CA SER D 192 -11.87 -10.86 -21.94
C SER D 192 -10.77 -10.86 -23.00
N GLY D 193 -9.52 -10.88 -22.57
CA GLY D 193 -8.41 -10.93 -23.49
C GLY D 193 -7.17 -10.33 -22.88
N ASP D 194 -6.05 -10.56 -23.58
CA ASP D 194 -4.78 -10.00 -23.16
C ASP D 194 -4.78 -8.48 -23.27
N ASN D 195 -5.65 -7.91 -24.09
CA ASN D 195 -5.81 -6.48 -24.26
C ASN D 195 -7.15 -6.02 -23.72
N PRO D 196 -7.32 -4.72 -23.45
CA PRO D 196 -8.64 -4.21 -23.08
C PRO D 196 -9.66 -4.51 -24.17
N VAL D 197 -10.85 -4.94 -23.75
CA VAL D 197 -11.88 -5.34 -24.71
C VAL D 197 -12.48 -4.12 -25.38
N GLY D 198 -12.79 -4.24 -26.66
CA GLY D 198 -13.39 -3.16 -27.42
C GLY D 198 -14.87 -3.02 -27.13
N PRO D 199 -15.34 -1.78 -26.96
CA PRO D 199 -16.76 -1.57 -26.65
C PRO D 199 -17.72 -1.94 -27.76
N ASP D 200 -17.22 -2.30 -28.95
CA ASP D 200 -18.08 -2.71 -30.05
C ASP D 200 -17.96 -4.19 -30.39
N ILE D 201 -16.81 -4.80 -30.18
CA ILE D 201 -16.70 -6.24 -30.35
C ILE D 201 -17.55 -6.96 -29.32
N VAL D 202 -17.57 -6.45 -28.08
CA VAL D 202 -18.45 -6.99 -27.06
C VAL D 202 -19.92 -6.80 -27.47
N LYS D 203 -20.21 -5.67 -28.12
CA LYS D 203 -21.59 -5.40 -28.54
C LYS D 203 -22.05 -6.41 -29.59
N TYR D 204 -21.20 -6.70 -30.57
CA TYR D 204 -21.55 -7.68 -31.60
C TYR D 204 -21.63 -9.09 -31.04
N VAL D 205 -20.82 -9.41 -30.03
CA VAL D 205 -20.83 -10.75 -29.46
C VAL D 205 -22.14 -11.00 -28.71
N ARG D 206 -22.59 -10.02 -27.93
CA ARG D 206 -23.83 -10.19 -27.17
C ARG D 206 -25.03 -10.34 -28.09
N ASP D 207 -25.02 -9.68 -29.25
CA ASP D 207 -26.13 -9.80 -30.19
C ASP D 207 -26.10 -11.13 -30.92
N THR D 208 -24.91 -11.62 -31.26
CA THR D 208 -24.79 -12.86 -32.02
C THR D 208 -25.02 -14.09 -31.15
N PHE D 209 -24.30 -14.19 -30.03
CA PHE D 209 -24.37 -15.38 -29.20
C PHE D 209 -25.58 -15.39 -28.27
N GLY D 210 -26.08 -14.21 -27.89
CA GLY D 210 -27.21 -14.12 -27.00
C GLY D 210 -26.81 -14.04 -25.55
N PRO D 211 -27.74 -13.69 -24.67
CA PRO D 211 -27.41 -13.49 -23.25
C PRO D 211 -27.14 -14.79 -22.49
N LYS D 212 -27.39 -15.95 -23.08
CA LYS D 212 -27.19 -17.22 -22.40
C LYS D 212 -25.87 -17.90 -22.74
N LYS D 213 -25.15 -17.41 -23.76
CA LYS D 213 -23.90 -18.03 -24.19
C LYS D 213 -22.71 -17.10 -24.01
N VAL D 214 -22.84 -16.09 -23.15
CA VAL D 214 -21.78 -15.12 -22.90
C VAL D 214 -21.28 -15.34 -21.47
N LEU D 215 -19.98 -15.58 -21.33
CA LEU D 215 -19.37 -15.90 -20.05
C LEU D 215 -18.51 -14.73 -19.58
N TYR D 216 -18.66 -14.36 -18.32
CA TYR D 216 -17.75 -13.40 -17.71
C TYR D 216 -16.42 -14.07 -17.41
N SER D 217 -15.33 -13.39 -17.77
CA SER D 217 -13.99 -13.88 -17.47
C SER D 217 -13.07 -12.68 -17.28
N SER D 218 -12.07 -12.84 -16.41
CA SER D 218 -11.15 -11.77 -16.10
C SER D 218 -9.78 -11.92 -16.74
N ASN D 219 -9.40 -13.15 -17.11
CA ASN D 219 -8.06 -13.43 -17.62
C ASN D 219 -6.97 -12.98 -16.65
N TRP D 220 -7.27 -13.06 -15.34
CA TRP D 220 -6.36 -12.68 -14.28
C TRP D 220 -5.27 -13.74 -14.11
N PRO D 221 -4.00 -13.35 -13.88
CA PRO D 221 -3.54 -11.97 -13.75
C PRO D 221 -2.98 -11.37 -15.04
N VAL D 222 -3.26 -12.00 -16.19
CA VAL D 222 -2.77 -11.48 -17.45
C VAL D 222 -3.41 -10.13 -17.78
N VAL D 223 -4.61 -9.88 -17.24
CA VAL D 223 -5.28 -8.60 -17.46
C VAL D 223 -4.46 -7.45 -16.86
N GLU D 224 -3.66 -7.73 -15.84
CA GLU D 224 -2.84 -6.71 -15.21
C GLU D 224 -1.69 -6.24 -16.08
N LEU D 225 -1.46 -6.88 -17.24
CA LEU D 225 -0.35 -6.50 -18.10
C LEU D 225 -0.64 -5.21 -18.84
N ASN D 226 -1.75 -5.15 -19.57
CA ASN D 226 -2.12 -3.96 -20.34
C ASN D 226 -3.32 -3.23 -19.73
N SER D 227 -3.79 -3.66 -18.56
CA SER D 227 -4.95 -3.02 -17.94
C SER D 227 -4.93 -3.32 -16.45
N THR D 228 -6.10 -3.44 -15.84
CA THR D 228 -6.23 -3.74 -14.42
C THR D 228 -7.51 -4.53 -14.21
N PHE D 229 -7.47 -5.47 -13.27
CA PHE D 229 -8.67 -6.24 -12.93
C PHE D 229 -9.83 -5.32 -12.57
N ALA D 230 -9.56 -4.30 -11.75
CA ALA D 230 -10.61 -3.37 -11.36
C ALA D 230 -11.15 -2.62 -12.57
N THR D 231 -10.30 -2.31 -13.54
CA THR D 231 -10.76 -1.66 -14.76
C THR D 231 -11.68 -2.58 -15.55
N HIS D 232 -11.28 -3.84 -15.70
CA HIS D 232 -12.06 -4.79 -16.50
C HIS D 232 -13.37 -5.13 -15.81
N PHE D 233 -13.33 -5.43 -14.51
CA PHE D 233 -14.53 -5.84 -13.81
C PHE D 233 -15.54 -4.71 -13.70
N GLN D 234 -15.06 -3.49 -13.48
CA GLN D 234 -15.96 -2.34 -13.47
C GLN D 234 -16.57 -2.11 -14.86
N LEU D 235 -15.74 -2.24 -15.90
CA LEU D 235 -16.24 -2.08 -17.27
C LEU D 235 -17.31 -3.12 -17.60
N LEU D 237 -19.32 -4.42 -15.25
CA LEU D 237 -20.47 -4.05 -14.43
C LEU D 237 -21.28 -2.95 -15.10
N ASP D 238 -20.62 -1.95 -15.68
CA ASP D 238 -21.33 -0.87 -16.34
C ASP D 238 -21.90 -1.27 -17.69
N THR D 239 -21.41 -2.36 -18.29
CA THR D 239 -21.90 -2.82 -19.58
C THR D 239 -23.07 -3.79 -19.45
N PHE D 240 -22.94 -4.78 -18.55
CA PHE D 240 -23.96 -5.81 -18.39
C PHE D 240 -24.91 -5.54 -17.23
N GLY D 241 -24.45 -4.85 -16.19
CA GLY D 241 -25.32 -4.60 -15.05
C GLY D 241 -25.37 -5.80 -14.11
N GLU D 242 -26.54 -5.96 -13.47
CA GLU D 242 -26.75 -7.07 -12.55
C GLU D 242 -27.22 -8.31 -13.31
N ASP D 243 -26.44 -8.72 -14.31
CA ASP D 243 -26.81 -9.85 -15.16
C ASP D 243 -26.38 -11.13 -14.47
N GLU D 244 -27.34 -11.87 -13.91
CA GLU D 244 -27.02 -13.11 -13.20
C GLU D 244 -26.64 -14.23 -14.16
N ASP D 245 -27.07 -14.16 -15.42
CA ASP D 245 -26.63 -15.15 -16.40
C ASP D 245 -25.19 -14.91 -16.80
N PHE D 246 -24.84 -13.66 -17.11
CA PHE D 246 -23.49 -13.35 -17.58
C PHE D 246 -22.45 -13.59 -16.50
N PHE D 247 -22.83 -13.47 -15.23
CA PHE D 247 -21.87 -13.51 -14.14
C PHE D 247 -21.78 -14.84 -13.41
N GLU D 248 -22.75 -15.75 -13.59
CA GLU D 248 -22.64 -17.06 -12.96
C GLU D 248 -23.45 -18.14 -13.65
N ASN D 249 -24.68 -17.81 -14.09
CA ASN D 249 -25.58 -18.86 -14.56
C ASN D 249 -25.11 -19.46 -15.88
N ASN D 250 -24.52 -18.65 -16.76
CA ASN D 250 -24.00 -19.18 -18.02
C ASN D 250 -22.82 -20.11 -17.78
N ALA D 251 -22.00 -19.81 -16.77
CA ALA D 251 -20.87 -20.69 -16.45
C ALA D 251 -21.35 -22.00 -15.84
N ARG D 252 -22.42 -21.96 -15.05
CA ARG D 252 -22.96 -23.19 -14.49
C ARG D 252 -23.45 -24.14 -15.57
N ARG D 253 -24.01 -23.61 -16.65
CA ARG D 253 -24.47 -24.46 -17.75
C ARG D 253 -23.33 -24.94 -18.63
N ALA D 254 -22.30 -24.12 -18.82
CA ALA D 254 -21.20 -24.50 -19.71
C ALA D 254 -20.27 -25.51 -19.04
N TYR D 255 -19.92 -25.29 -17.77
CA TYR D 255 -18.97 -26.13 -17.07
C TYR D 255 -19.62 -27.16 -16.15
N ASN D 256 -20.95 -27.17 -16.06
CA ASN D 256 -21.69 -28.05 -15.17
C ASN D 256 -21.24 -27.86 -13.71
N ILE D 257 -21.51 -26.66 -13.20
CA ILE D 257 -21.18 -26.31 -11.82
C ILE D 257 -22.48 -26.38 -11.02
N ASP D 258 -22.54 -27.32 -10.08
CA ASP D 258 -23.74 -27.53 -9.28
C ASP D 258 -23.99 -26.35 -8.35
N THR E 5 16.71 -50.30 0.33
CA THR E 5 15.93 -49.06 0.40
C THR E 5 15.18 -48.97 1.73
N LEU E 6 15.03 -47.74 2.23
CA LEU E 6 14.45 -47.49 3.54
C LEU E 6 13.24 -46.57 3.41
N ASN E 7 12.16 -46.92 4.12
CA ASN E 7 10.97 -46.09 4.16
C ASN E 7 11.06 -45.16 5.37
N VAL E 8 10.75 -43.88 5.16
CA VAL E 8 10.90 -42.85 6.18
C VAL E 8 9.57 -42.11 6.33
N ILE E 9 9.13 -41.93 7.58
CA ILE E 9 7.98 -41.12 7.91
C ILE E 9 8.45 -40.03 8.86
N ASP E 10 8.40 -38.78 8.41
CA ASP E 10 8.85 -37.65 9.21
C ASP E 10 7.77 -37.31 10.24
N SER E 11 8.12 -37.37 11.52
CA SER E 11 7.14 -37.12 12.57
C SER E 11 7.00 -35.65 12.92
N HIS E 12 7.87 -34.78 12.44
CA HIS E 12 7.83 -33.36 12.82
C HIS E 12 8.47 -32.54 11.71
N PHE E 13 7.65 -31.79 10.97
CA PHE E 13 8.16 -30.84 9.99
C PHE E 13 7.20 -29.65 9.92
N HIS E 14 7.67 -28.57 9.30
CA HIS E 14 6.91 -27.34 9.19
C HIS E 14 6.96 -26.83 7.75
N ILE E 15 5.93 -26.06 7.39
CA ILE E 15 5.91 -25.27 6.16
C ILE E 15 5.25 -23.94 6.48
N TRP E 16 5.71 -22.88 5.84
CA TRP E 16 5.14 -21.56 6.04
C TRP E 16 5.48 -20.67 4.85
N ASP E 17 4.78 -19.55 4.76
CA ASP E 17 5.01 -18.55 3.73
C ASP E 17 5.06 -17.18 4.42
N PRO E 18 6.22 -16.50 4.43
CA PRO E 18 6.31 -15.23 5.16
C PRO E 18 5.41 -14.14 4.60
N ASP E 19 5.09 -14.19 3.32
CA ASP E 19 4.24 -13.16 2.72
C ASP E 19 2.77 -13.40 3.02
N ALA E 20 2.32 -14.66 2.96
CA ALA E 20 0.92 -14.96 3.17
C ALA E 20 0.58 -15.13 4.65
N GLN E 21 1.54 -15.56 5.46
CA GLN E 21 1.30 -15.84 6.87
C GLN E 21 2.07 -14.86 7.75
N ASP E 22 1.56 -14.68 8.97
CA ASP E 22 2.15 -13.79 9.96
C ASP E 22 2.74 -14.64 11.07
N LEU E 23 4.04 -14.90 11.00
CA LEU E 23 4.74 -15.68 12.03
C LEU E 23 5.58 -14.73 12.87
N PRO E 24 5.14 -14.39 14.09
CA PRO E 24 5.89 -13.41 14.89
C PRO E 24 7.29 -13.86 15.25
N TRP E 25 7.49 -15.15 15.55
CA TRP E 25 8.80 -15.66 15.91
C TRP E 25 9.79 -15.62 14.74
N LEU E 26 9.32 -15.37 13.52
CA LEU E 26 10.21 -15.30 12.37
C LEU E 26 11.04 -14.01 12.37
N ALA E 27 10.55 -12.95 13.02
CA ALA E 27 11.29 -11.71 13.10
C ALA E 27 12.57 -11.93 13.92
N GLY E 28 13.71 -11.64 13.33
CA GLY E 28 14.99 -11.91 13.94
C GLY E 28 15.70 -13.13 13.41
N LEU E 29 15.08 -13.88 12.51
CA LEU E 29 15.66 -15.08 11.92
C LEU E 29 15.62 -14.92 10.40
N PRO E 30 16.56 -14.16 9.83
CA PRO E 30 16.52 -13.92 8.38
C PRO E 30 16.71 -15.18 7.54
N SER E 31 17.47 -16.16 8.04
CA SER E 31 17.73 -17.37 7.27
C SER E 31 16.50 -18.26 7.12
N LEU E 32 15.45 -18.02 7.89
CA LEU E 32 14.22 -18.80 7.81
C LEU E 32 13.08 -18.05 7.16
N GLN E 33 13.27 -16.78 6.80
CA GLN E 33 12.21 -15.98 6.18
C GLN E 33 12.12 -16.28 4.68
N HIS E 34 11.84 -17.54 4.38
CA HIS E 34 11.65 -18.03 3.03
C HIS E 34 10.33 -18.81 2.97
N ARG E 35 9.86 -19.05 1.75
CA ARG E 35 8.71 -19.91 1.55
C ARG E 35 9.18 -21.36 1.50
N TYR E 36 8.72 -22.16 2.46
CA TYR E 36 9.05 -23.58 2.53
C TYR E 36 7.82 -24.39 2.16
N THR E 37 7.98 -25.32 1.22
CA THR E 37 6.90 -26.19 0.78
C THR E 37 7.28 -27.64 1.04
N VAL E 38 6.28 -28.52 1.01
CA VAL E 38 6.53 -29.94 1.23
C VAL E 38 7.34 -30.54 0.10
N ASP E 39 7.31 -29.93 -1.10
CA ASP E 39 8.15 -30.39 -2.19
C ASP E 39 9.63 -30.16 -1.87
N ASP E 40 9.94 -29.06 -1.18
CA ASP E 40 11.32 -28.80 -0.78
C ASP E 40 11.81 -29.88 0.18
N LEU E 41 10.97 -30.29 1.12
CA LEU E 41 11.36 -31.35 2.05
C LEU E 41 11.54 -32.68 1.33
N ALA E 42 10.64 -32.99 0.39
CA ALA E 42 10.76 -34.23 -0.36
C ALA E 42 12.04 -34.26 -1.20
N ALA E 43 12.46 -33.10 -1.71
CA ALA E 43 13.70 -33.05 -2.47
C ALA E 43 14.92 -33.34 -1.59
N GLU E 44 14.84 -32.97 -0.30
CA GLU E 44 15.94 -33.28 0.61
C GLU E 44 16.07 -34.77 0.85
N TYR E 45 14.95 -35.46 1.05
CA TYR E 45 14.99 -36.91 1.22
C TYR E 45 15.38 -37.61 -0.08
N ALA E 46 15.10 -36.98 -1.22
CA ALA E 46 15.46 -37.60 -2.50
C ALA E 46 16.97 -37.71 -2.67
N LYS E 47 17.74 -36.82 -2.06
CA LYS E 47 19.20 -36.87 -2.18
C LYS E 47 19.76 -38.11 -1.48
N PHE E 48 19.10 -38.59 -0.44
CA PHE E 48 19.53 -39.78 0.27
C PHE E 48 19.01 -41.08 -0.34
N GLY E 49 18.20 -41.00 -1.38
CA GLY E 49 17.68 -42.19 -2.01
C GLY E 49 16.73 -43.00 -1.17
N VAL E 50 16.18 -42.43 -0.11
CA VAL E 50 15.23 -43.12 0.74
C VAL E 50 13.83 -42.95 0.17
N ASN E 51 12.90 -43.81 0.62
CA ASN E 51 11.51 -43.76 0.18
C ASN E 51 10.73 -42.92 1.18
N PHE E 52 10.64 -41.62 0.91
CA PHE E 52 9.95 -40.69 1.80
C PHE E 52 8.44 -40.90 1.69
N LEU E 53 7.84 -41.51 2.70
CA LEU E 53 6.42 -41.83 2.70
C LEU E 53 5.55 -40.67 3.16
N GLY E 54 6.12 -39.53 3.49
CA GLY E 54 5.37 -38.39 3.96
C GLY E 54 5.77 -37.99 5.37
N GLY E 55 5.07 -36.96 5.87
CA GLY E 55 5.42 -36.38 7.15
C GLY E 55 4.20 -35.99 7.96
N VAL E 56 4.46 -35.55 9.18
CA VAL E 56 3.43 -35.10 10.12
C VAL E 56 3.64 -33.60 10.31
N TYR E 57 2.68 -32.80 9.85
CA TYR E 57 2.78 -31.36 10.02
C TYR E 57 2.48 -30.97 11.47
N VAL E 58 3.28 -30.05 11.99
CA VAL E 58 3.07 -29.48 13.31
C VAL E 58 2.87 -27.98 13.15
N GLU E 59 1.95 -27.42 13.95
CA GLU E 59 1.61 -26.01 13.83
C GLU E 59 2.83 -25.13 14.00
N VAL E 60 2.85 -24.03 13.26
CA VAL E 60 4.01 -23.15 13.19
C VAL E 60 3.84 -21.92 14.09
N ASP E 61 2.90 -21.96 15.03
CA ASP E 61 2.62 -20.84 15.93
C ASP E 61 2.33 -19.56 15.14
N ALA E 62 1.33 -19.65 14.27
CA ALA E 62 0.93 -18.53 13.46
C ALA E 62 0.06 -17.56 14.25
N ALA E 63 0.06 -16.30 13.82
CA ALA E 63 -0.76 -15.29 14.49
C ALA E 63 -2.24 -15.55 14.26
N ASP E 64 -2.61 -15.95 13.05
CA ASP E 64 -4.00 -16.24 12.69
C ASP E 64 -4.11 -17.75 12.53
N HIS E 65 -4.55 -18.42 13.61
CA HIS E 65 -4.67 -19.87 13.58
C HIS E 65 -5.75 -20.32 12.59
N GLU E 66 -6.76 -19.49 12.36
CA GLU E 66 -7.77 -19.84 11.37
C GLU E 66 -7.19 -19.85 9.96
N LEU E 67 -6.27 -18.92 9.68
CA LEU E 67 -5.59 -18.93 8.38
C LEU E 67 -4.75 -20.19 8.22
N GLU E 68 -4.10 -20.64 9.31
CA GLU E 68 -3.31 -21.85 9.24
C GLU E 68 -4.19 -23.08 9.02
N ASP E 69 -5.37 -23.10 9.65
CA ASP E 69 -6.29 -24.21 9.44
C ASP E 69 -6.75 -24.28 7.98
N ARG E 70 -7.05 -23.13 7.38
CA ARG E 70 -7.50 -23.12 5.99
C ARG E 70 -6.36 -23.47 5.04
N LEU E 71 -5.18 -22.90 5.25
CA LEU E 71 -4.06 -23.11 4.33
C LEU E 71 -3.64 -24.57 4.29
N LEU E 72 -3.83 -25.31 5.38
CA LEU E 72 -3.43 -26.71 5.40
C LEU E 72 -4.54 -27.68 5.01
N TYR E 73 -5.79 -27.23 4.98
CA TYR E 73 -6.80 -27.99 4.25
C TYR E 73 -6.57 -27.88 2.76
N GLU E 74 -6.33 -26.66 2.27
CA GLU E 74 -6.11 -26.42 0.86
C GLU E 74 -4.82 -27.03 0.34
N ASN E 75 -3.93 -27.46 1.23
CA ASN E 75 -2.71 -28.18 0.83
C ASN E 75 -3.03 -29.66 0.87
N ALA E 76 -3.55 -30.17 -0.25
CA ALA E 76 -3.94 -31.57 -0.39
C ALA E 76 -2.77 -32.45 -0.83
N SER E 77 -1.54 -32.08 -0.50
CA SER E 77 -0.39 -32.90 -0.86
C SER E 77 -0.49 -34.25 -0.15
N PRO E 78 -0.32 -35.36 -0.88
CA PRO E 78 -0.37 -36.67 -0.20
C PRO E 78 0.73 -36.85 0.83
N LEU E 79 1.84 -36.15 0.71
CA LEU E 79 2.95 -36.29 1.65
C LEU E 79 2.64 -35.71 3.02
N ILE E 80 1.51 -35.01 3.19
CA ILE E 80 1.10 -34.51 4.50
C ILE E 80 0.20 -35.58 5.10
N LEU E 81 0.82 -36.46 5.90
CA LEU E 81 0.08 -37.60 6.47
C LEU E 81 -0.87 -37.15 7.56
N LYS E 82 -0.40 -36.33 8.49
CA LYS E 82 -1.19 -35.86 9.61
C LYS E 82 -0.99 -34.36 9.79
N ARG E 83 -1.89 -33.76 10.57
CA ARG E 83 -1.87 -32.32 10.83
C ARG E 83 -2.09 -32.09 12.32
N LEU E 85 -2.55 -29.28 14.54
CA LEU E 85 -2.84 -27.86 14.63
C LEU E 85 -2.89 -27.41 16.08
N GLN E 86 -3.00 -26.10 16.28
CA GLN E 86 -2.93 -25.53 17.62
C GLN E 86 -4.31 -25.32 18.21
N GLY E 87 -4.41 -25.50 19.51
CA GLY E 87 -5.64 -25.29 20.26
C GLY E 87 -5.32 -25.15 21.73
N ARG E 88 -6.37 -24.96 22.52
CA ARG E 88 -6.25 -24.83 23.97
C ARG E 88 -6.97 -26.01 24.62
N VAL E 89 -6.21 -26.84 25.33
CA VAL E 89 -6.74 -28.10 25.84
C VAL E 89 -7.83 -27.82 26.86
N SER E 90 -9.03 -28.36 26.60
CA SER E 90 -10.19 -28.26 27.48
C SER E 90 -11.26 -29.20 26.96
N PRO E 91 -12.15 -29.71 27.82
CA PRO E 91 -13.23 -30.58 27.33
C PRO E 91 -14.30 -29.85 26.53
N TRP E 92 -14.14 -28.55 26.28
CA TRP E 92 -15.05 -27.79 25.43
C TRP E 92 -14.29 -27.09 24.30
N ARG E 94 -12.23 -25.82 20.92
CA ARG E 94 -12.46 -25.73 19.47
C ARG E 94 -11.34 -26.47 18.75
N VAL E 95 -11.69 -27.52 18.02
CA VAL E 95 -10.75 -28.35 17.29
C VAL E 95 -11.06 -28.21 15.81
N PRO E 96 -10.07 -27.93 14.95
CA PRO E 96 -10.35 -27.89 13.51
C PRO E 96 -10.82 -29.25 13.01
N ILE E 97 -11.84 -29.22 12.15
CA ILE E 97 -12.46 -30.45 11.69
C ILE E 97 -11.51 -31.27 10.81
N ASN E 98 -10.44 -30.65 10.31
CA ASN E 98 -9.44 -31.35 9.52
C ASN E 98 -8.18 -31.65 10.30
N ALA E 99 -8.20 -31.43 11.62
CA ALA E 99 -7.02 -31.64 12.45
C ALA E 99 -6.96 -33.07 12.93
N ASP E 100 -5.79 -33.71 12.77
CA ASP E 100 -5.55 -35.04 13.29
C ASP E 100 -5.04 -35.03 14.72
N GLY E 101 -4.67 -33.86 15.24
CA GLY E 101 -4.19 -33.75 16.60
C GLY E 101 -4.04 -32.29 16.98
N ILE E 102 -3.66 -32.06 18.23
CA ILE E 102 -3.59 -30.73 18.81
C ILE E 102 -2.24 -30.55 19.50
N ARG E 103 -1.63 -29.38 19.32
CA ARG E 103 -0.48 -28.96 20.10
C ARG E 103 -0.79 -27.62 20.75
N GLU E 104 -0.77 -27.59 22.09
CA GLU E 104 -0.82 -26.33 22.81
C GLU E 104 0.58 -25.98 23.25
N PRO E 105 1.17 -24.89 22.76
CA PRO E 105 2.55 -24.53 23.16
C PRO E 105 2.60 -24.14 24.62
N LEU E 106 3.32 -24.93 25.42
CA LEU E 106 3.56 -24.62 26.83
C LEU E 106 4.85 -23.84 27.03
N HIS E 107 5.21 -22.96 26.11
CA HIS E 107 6.45 -22.20 26.14
C HIS E 107 7.67 -23.11 26.27
N ARG E 113 3.06 -21.01 33.57
CA ARG E 113 3.70 -22.06 34.36
C ARG E 113 2.66 -22.81 35.19
N GLY E 114 2.63 -24.13 35.04
CA GLY E 114 1.66 -24.96 35.71
C GLY E 114 0.38 -25.20 34.94
N ARG E 115 0.35 -24.90 33.64
CA ARG E 115 -0.87 -25.08 32.85
C ARG E 115 -1.26 -26.55 32.78
N ALA E 116 -0.28 -27.45 32.65
CA ALA E 116 -0.57 -28.87 32.49
C ALA E 116 -1.24 -29.47 33.71
N LEU E 117 -1.16 -28.81 34.86
CA LEU E 117 -1.76 -29.32 36.09
C LEU E 117 -3.18 -28.83 36.32
N GLU E 118 -3.68 -27.94 35.47
CA GLU E 118 -5.03 -27.42 35.65
C GLU E 118 -6.06 -28.53 35.38
N PRO E 119 -7.20 -28.49 36.07
CA PRO E 119 -8.19 -29.57 35.91
C PRO E 119 -8.77 -29.64 34.51
N GLU E 120 -9.00 -28.50 33.85
CA GLU E 120 -9.55 -28.52 32.51
C GLU E 120 -8.54 -29.05 31.50
N PHE E 121 -7.25 -28.99 31.80
CA PHE E 121 -6.24 -29.57 30.91
C PHE E 121 -6.30 -31.09 30.95
N ILE E 122 -6.38 -31.67 32.16
CA ILE E 122 -6.51 -33.11 32.28
C ILE E 122 -7.83 -33.58 31.67
N ALA E 123 -8.92 -32.85 31.92
CA ALA E 123 -10.20 -33.20 31.34
C ALA E 123 -10.16 -33.13 29.82
N GLY E 124 -9.48 -32.12 29.28
CA GLY E 124 -9.37 -32.00 27.84
C GLY E 124 -8.60 -33.14 27.21
N LEU E 125 -7.57 -33.63 27.91
CA LEU E 125 -6.80 -34.77 27.41
C LEU E 125 -7.67 -36.03 27.32
N ARG E 126 -8.58 -36.20 28.28
CA ARG E 126 -9.49 -37.34 28.22
C ARG E 126 -10.48 -37.21 27.07
N ALA E 127 -10.91 -35.97 26.78
CA ALA E 127 -11.78 -35.75 25.64
C ALA E 127 -11.05 -36.05 24.33
N ALA E 129 -8.51 -38.19 23.92
CA ALA E 129 -8.31 -39.62 23.81
C ALA E 129 -9.55 -40.32 23.29
N ALA E 130 -10.74 -39.87 23.71
CA ALA E 130 -11.97 -40.46 23.22
C ALA E 130 -12.19 -40.14 21.74
N LYS E 131 -11.67 -39.01 21.26
CA LYS E 131 -11.76 -38.65 19.85
C LYS E 131 -10.62 -39.21 19.02
N GLY E 132 -9.61 -39.82 19.65
CA GLY E 132 -8.46 -40.31 18.93
C GLY E 132 -7.48 -39.23 18.53
N LEU E 133 -7.36 -38.17 19.32
CA LEU E 133 -6.50 -37.05 18.99
C LEU E 133 -5.25 -37.09 19.85
N PRO E 134 -4.07 -37.32 19.27
CA PRO E 134 -2.84 -37.25 20.06
C PRO E 134 -2.51 -35.80 20.43
N PHE E 135 -1.75 -35.66 21.51
CA PHE E 135 -1.29 -34.34 21.96
C PHE E 135 0.20 -34.20 21.71
N GLU E 136 0.59 -33.06 21.15
CA GLU E 136 1.98 -32.76 20.86
C GLU E 136 2.52 -31.88 22.00
N LEU E 137 3.45 -32.42 22.78
CA LEU E 137 3.97 -31.75 23.97
C LEU E 137 5.29 -31.07 23.63
N CYS E 138 5.29 -29.74 23.67
CA CYS E 138 6.50 -28.93 23.52
C CYS E 138 6.53 -27.96 24.69
N ASN E 139 7.39 -28.23 25.66
CA ASN E 139 7.38 -27.54 26.94
C ASN E 139 8.68 -26.78 27.16
N ARG E 140 8.68 -25.96 28.21
CA ARG E 140 9.92 -25.38 28.70
C ARG E 140 10.77 -26.46 29.36
N GLY E 141 12.08 -26.28 29.30
CA GLY E 141 13.03 -27.29 29.72
C GLY E 141 12.88 -27.77 31.15
N PRO E 142 13.24 -26.92 32.11
CA PRO E 142 13.36 -27.38 33.50
C PRO E 142 12.04 -27.72 34.19
N GLU E 143 10.90 -27.66 33.51
CA GLU E 143 9.61 -28.00 34.10
C GLU E 143 9.00 -29.24 33.48
N LEU E 144 9.85 -30.21 33.11
CA LEU E 144 9.36 -31.45 32.53
C LEU E 144 8.67 -32.35 33.55
N GLY E 145 8.96 -32.17 34.84
CA GLY E 145 8.31 -32.97 35.86
C GLY E 145 6.83 -32.69 35.99
N ASP E 146 6.41 -31.45 35.68
CA ASP E 146 4.99 -31.12 35.71
C ASP E 146 4.22 -31.89 34.65
N ALA E 148 5.02 -34.89 33.55
CA ALA E 148 4.98 -36.28 33.98
C ALA E 148 3.80 -36.55 34.90
N LYS E 149 3.55 -35.64 35.85
CA LYS E 149 2.43 -35.79 36.75
C LYS E 149 1.09 -35.48 36.09
N ALA E 150 1.10 -34.76 34.97
CA ALA E 150 -0.14 -34.44 34.26
C ALA E 150 -0.59 -35.61 33.40
N PHE E 151 0.30 -36.11 32.53
CA PHE E 151 -0.06 -37.20 31.62
C PHE E 151 -0.14 -38.55 32.32
N ALA E 152 0.36 -38.66 33.55
CA ALA E 152 0.17 -39.90 34.30
C ALA E 152 -1.29 -40.08 34.71
N GLN E 153 -2.00 -38.98 34.93
CA GLN E 153 -3.42 -39.07 35.26
C GLN E 153 -4.25 -39.51 34.05
N VAL E 154 -3.77 -39.22 32.84
CA VAL E 154 -4.49 -39.58 31.62
C VAL E 154 -3.59 -40.49 30.78
N PRO E 155 -3.45 -41.77 31.12
CA PRO E 155 -2.63 -42.66 30.30
C PRO E 155 -3.29 -43.09 28.99
N GLU E 156 -4.56 -42.79 28.79
CA GLU E 156 -5.25 -43.22 27.59
C GLU E 156 -5.01 -42.30 26.40
N VAL E 157 -4.53 -41.09 26.63
CA VAL E 157 -4.25 -40.15 25.54
C VAL E 157 -2.83 -40.36 25.05
N THR E 158 -2.64 -40.28 23.74
CA THR E 158 -1.31 -40.38 23.14
C THR E 158 -0.60 -39.04 23.27
N VAL E 159 0.58 -39.05 23.87
CA VAL E 159 1.40 -37.85 24.04
C VAL E 159 2.72 -38.06 23.31
N ILE E 160 3.14 -37.05 22.57
CA ILE E 160 4.40 -37.08 21.84
C ILE E 160 5.30 -35.99 22.40
N ILE E 161 6.45 -36.39 22.94
CA ILE E 161 7.40 -35.44 23.51
C ILE E 161 8.23 -34.85 22.37
N ASP E 162 8.12 -33.53 22.18
CA ASP E 162 8.81 -32.86 21.10
C ASP E 162 10.25 -32.55 21.47
N HIS E 163 11.16 -32.81 20.53
CA HIS E 163 12.54 -32.34 20.59
C HIS E 163 13.25 -32.83 21.85
N LEU E 164 13.11 -34.13 22.13
CA LEU E 164 13.78 -34.79 23.25
C LEU E 164 13.41 -34.15 24.59
N GLY E 165 12.22 -33.55 24.67
CA GLY E 165 11.78 -32.90 25.88
C GLY E 165 12.38 -31.54 26.15
N ASN E 166 13.21 -31.03 25.25
CA ASN E 166 13.87 -29.73 25.40
C ASN E 166 14.69 -29.67 26.69
N VAL E 167 15.31 -30.79 27.04
CA VAL E 167 16.09 -30.89 28.27
C VAL E 167 17.48 -30.30 28.03
N PRO E 168 18.04 -29.58 29.00
CA PRO E 168 19.42 -29.08 28.83
C PRO E 168 20.47 -30.15 28.97
N GLY E 169 20.17 -31.23 29.69
CA GLY E 169 21.14 -32.29 29.86
C GLY E 169 20.58 -33.40 30.71
N LEU E 170 21.47 -34.27 31.19
CA LEU E 170 21.08 -35.40 32.03
C LEU E 170 21.07 -34.95 33.49
N ASP E 171 20.01 -34.26 33.86
CA ASP E 171 19.83 -33.75 35.21
C ASP E 171 19.10 -34.76 36.07
N GLU E 172 19.05 -34.49 37.38
CA GLU E 172 18.32 -35.37 38.28
C GLU E 172 16.81 -35.23 38.07
N GLU E 173 16.34 -34.02 37.77
CA GLU E 173 14.94 -33.84 37.43
C GLU E 173 14.64 -34.23 35.99
N SER E 174 15.61 -34.09 35.09
CA SER E 174 15.38 -34.44 33.70
C SER E 174 15.32 -35.95 33.51
N CYS E 175 16.26 -36.68 34.12
CA CYS E 175 16.25 -38.14 34.02
C CYS E 175 15.01 -38.72 34.68
N ALA E 176 14.58 -38.15 35.81
CA ALA E 176 13.42 -38.69 36.52
C ALA E 176 12.13 -38.43 35.75
N ALA E 177 12.01 -37.24 35.14
CA ALA E 177 10.80 -36.92 34.40
C ALA E 177 10.72 -37.72 33.11
N LEU E 178 11.85 -37.90 32.43
CA LEU E 178 11.85 -38.72 31.21
C LEU E 178 11.56 -40.18 31.53
N ALA E 179 12.08 -40.67 32.65
CA ALA E 179 11.79 -42.05 33.05
C ALA E 179 10.32 -42.22 33.45
N ALA E 180 9.73 -41.19 34.04
CA ALA E 180 8.31 -41.26 34.39
C ALA E 180 7.43 -41.26 33.15
N LEU E 181 7.79 -40.46 32.15
CA LEU E 181 7.01 -40.41 30.92
C LEU E 181 7.13 -41.71 30.13
N ALA E 182 8.33 -42.31 30.11
CA ALA E 182 8.53 -43.57 29.39
C ALA E 182 7.76 -44.72 30.02
N GLU E 183 7.30 -44.57 31.26
CA GLU E 183 6.48 -45.60 31.89
C GLU E 183 5.04 -45.59 31.38
N LEU E 184 4.63 -44.51 30.71
CA LEU E 184 3.27 -44.42 30.20
C LEU E 184 3.09 -45.33 28.99
N PRO E 185 1.89 -45.88 28.79
CA PRO E 185 1.69 -46.81 27.67
C PRO E 185 1.59 -46.13 26.31
N ASN E 186 1.29 -44.84 26.25
CA ASN E 186 1.07 -44.15 24.99
C ASN E 186 1.94 -42.90 24.91
N SER E 187 3.19 -42.99 25.34
CA SER E 187 4.13 -41.88 25.31
C SER E 187 5.20 -42.15 24.26
N TYR E 188 5.39 -41.21 23.35
CA TYR E 188 6.43 -41.27 22.34
C TYR E 188 7.31 -40.02 22.46
N ILE E 189 8.54 -40.13 22.00
CA ILE E 189 9.51 -39.04 22.08
C ILE E 189 10.22 -38.91 20.74
N LYS E 190 10.44 -37.67 20.32
CA LYS E 190 11.07 -37.37 19.04
C LYS E 190 12.54 -37.04 19.25
N VAL E 191 13.38 -37.51 18.32
CA VAL E 191 14.81 -37.25 18.36
C VAL E 191 15.09 -36.12 17.39
N SER E 192 14.96 -34.89 17.88
CA SER E 192 15.20 -33.69 17.09
C SER E 192 15.39 -32.52 18.06
N GLY E 193 15.40 -31.31 17.53
CA GLY E 193 15.54 -30.13 18.35
C GLY E 193 16.03 -28.96 17.53
N ASP E 194 15.97 -27.78 18.16
CA ASP E 194 16.45 -26.57 17.51
C ASP E 194 17.96 -26.53 17.38
N ASN E 195 18.67 -27.36 18.15
CA ASN E 195 20.11 -27.49 18.10
C ASN E 195 20.47 -28.94 17.79
N PRO E 196 21.68 -29.20 17.29
CA PRO E 196 22.10 -30.59 17.05
C PRO E 196 21.96 -31.44 18.30
N VAL E 197 21.29 -32.58 18.15
CA VAL E 197 21.00 -33.44 19.29
C VAL E 197 22.29 -34.00 19.86
N GLY E 198 22.39 -34.03 21.19
CA GLY E 198 23.56 -34.53 21.86
C GLY E 198 23.60 -36.05 21.88
N PRO E 199 24.79 -36.61 21.67
CA PRO E 199 24.89 -38.08 21.67
C PRO E 199 24.58 -38.72 23.02
N ASP E 200 24.78 -37.99 24.12
CA ASP E 200 24.45 -38.55 25.43
C ASP E 200 22.94 -38.56 25.65
N ILE E 201 22.24 -37.53 25.18
CA ILE E 201 20.78 -37.47 25.37
C ILE E 201 20.10 -38.49 24.48
N VAL E 202 20.58 -38.66 23.24
CA VAL E 202 19.99 -39.64 22.34
C VAL E 202 20.21 -41.05 22.89
N LYS E 203 21.42 -41.34 23.37
CA LYS E 203 21.71 -42.68 23.90
C LYS E 203 20.85 -42.96 25.14
N TYR E 204 20.63 -41.94 25.97
CA TYR E 204 19.82 -42.13 27.17
C TYR E 204 18.35 -42.33 26.81
N VAL E 205 17.84 -41.57 25.85
CA VAL E 205 16.43 -41.67 25.46
C VAL E 205 16.15 -43.04 24.86
N ARG E 206 17.08 -43.57 24.08
CA ARG E 206 16.87 -44.88 23.47
C ARG E 206 16.77 -45.99 24.51
N ASP E 207 17.51 -45.88 25.62
CA ASP E 207 17.47 -46.92 26.64
C ASP E 207 16.20 -46.82 27.49
N THR E 208 15.85 -45.60 27.92
CA THR E 208 14.73 -45.43 28.84
C THR E 208 13.39 -45.61 28.14
N PHE E 209 13.27 -45.15 26.90
CA PHE E 209 12.00 -45.25 26.18
C PHE E 209 11.87 -46.55 25.39
N GLY E 210 12.95 -47.08 24.86
CA GLY E 210 12.90 -48.31 24.10
C GLY E 210 12.76 -48.08 22.62
N PRO E 211 13.01 -49.12 21.82
CA PRO E 211 12.97 -48.96 20.35
C PRO E 211 11.58 -48.82 19.77
N LYS E 212 10.53 -48.92 20.57
CA LYS E 212 9.16 -48.83 20.08
C LYS E 212 8.52 -47.47 20.35
N LYS E 213 9.13 -46.61 21.15
CA LYS E 213 8.58 -45.31 21.50
C LYS E 213 9.39 -44.15 20.96
N VAL E 214 10.38 -44.42 20.11
CA VAL E 214 11.28 -43.39 19.59
C VAL E 214 10.89 -43.09 18.15
N LEU E 215 10.56 -41.83 17.88
CA LEU E 215 10.10 -41.38 16.57
C LEU E 215 11.19 -40.59 15.87
N TYR E 216 11.43 -40.91 14.60
CA TYR E 216 12.31 -40.07 13.80
C TYR E 216 11.60 -38.77 13.44
N SER E 217 12.30 -37.65 13.61
CA SER E 217 11.76 -36.35 13.23
C SER E 217 12.92 -35.46 12.79
N SER E 218 12.67 -34.62 11.80
CA SER E 218 13.71 -33.76 11.24
C SER E 218 13.69 -32.34 11.78
N ASN E 219 12.53 -31.87 12.27
CA ASN E 219 12.35 -30.47 12.68
C ASN E 219 12.67 -29.52 11.53
N TRP E 220 12.37 -29.94 10.30
CA TRP E 220 12.62 -29.17 9.09
C TRP E 220 11.52 -28.10 8.93
N PRO E 221 11.88 -26.88 8.50
CA PRO E 221 13.24 -26.46 8.15
C PRO E 221 13.99 -25.76 9.29
N VAL E 222 13.45 -25.86 10.52
CA VAL E 222 14.11 -25.24 11.66
C VAL E 222 15.49 -25.85 11.90
N VAL E 223 15.68 -27.10 11.47
CA VAL E 223 16.98 -27.76 11.63
C VAL E 223 18.07 -27.03 10.86
N GLU E 224 17.72 -26.28 9.82
CA GLU E 224 18.70 -25.54 9.05
C GLU E 224 19.24 -24.31 9.78
N LEU E 225 18.63 -23.93 10.90
CA LEU E 225 19.06 -22.74 11.62
C LEU E 225 20.42 -22.95 12.26
N ASN E 226 20.55 -23.95 13.13
CA ASN E 226 21.78 -24.23 13.84
C ASN E 226 22.46 -25.50 13.34
N SER E 227 21.96 -26.11 12.27
CA SER E 227 22.56 -27.34 11.76
C SER E 227 22.21 -27.45 10.27
N THR E 228 22.03 -28.68 9.79
CA THR E 228 21.73 -28.95 8.40
C THR E 228 20.92 -30.24 8.32
N PHE E 229 19.94 -30.27 7.42
CA PHE E 229 19.15 -31.48 7.24
C PHE E 229 20.04 -32.65 6.83
N ALA E 230 21.04 -32.41 6.00
CA ALA E 230 21.90 -33.49 5.52
C ALA E 230 22.71 -34.10 6.66
N THR E 231 23.15 -33.28 7.62
CA THR E 231 23.91 -33.81 8.74
C THR E 231 23.00 -34.47 9.77
N HIS E 232 21.82 -33.90 10.01
CA HIS E 232 20.90 -34.47 11.00
C HIS E 232 20.39 -35.83 10.56
N PHE E 233 19.94 -35.94 9.30
CA PHE E 233 19.42 -37.20 8.83
C PHE E 233 20.53 -38.25 8.72
N GLN E 234 21.72 -37.84 8.28
CA GLN E 234 22.85 -38.76 8.26
C GLN E 234 23.22 -39.21 9.67
N LEU E 235 23.12 -38.30 10.64
CA LEU E 235 23.39 -38.68 12.03
C LEU E 235 22.41 -39.73 12.52
N LEU E 237 20.90 -41.95 10.52
CA LEU E 237 21.24 -43.16 9.80
C LEU E 237 22.42 -43.88 10.44
N ASP E 238 23.43 -43.13 10.87
CA ASP E 238 24.59 -43.74 11.51
C ASP E 238 24.32 -44.18 12.94
N THR E 239 23.34 -43.56 13.61
CA THR E 239 23.03 -43.89 15.00
C THR E 239 22.08 -45.08 15.10
N PHE E 240 20.92 -44.99 14.44
CA PHE E 240 19.90 -46.02 14.54
C PHE E 240 20.04 -47.12 13.49
N GLY E 241 20.87 -46.92 12.47
CA GLY E 241 20.90 -47.84 11.37
C GLY E 241 19.59 -47.80 10.59
N GLU E 242 19.37 -48.85 9.81
CA GLU E 242 18.14 -48.97 9.03
C GLU E 242 17.06 -49.64 9.88
N ASP E 243 16.65 -48.91 10.91
CA ASP E 243 15.64 -49.38 11.87
C ASP E 243 14.26 -49.00 11.33
N GLU E 244 13.49 -50.02 10.93
CA GLU E 244 12.17 -49.76 10.36
C GLU E 244 11.20 -49.23 11.42
N ASP E 245 11.41 -49.58 12.69
CA ASP E 245 10.56 -49.06 13.75
C ASP E 245 10.81 -47.58 13.98
N PHE E 246 12.09 -47.19 14.09
CA PHE E 246 12.43 -45.79 14.35
C PHE E 246 12.04 -44.88 13.20
N PHE E 247 11.99 -45.40 11.98
CA PHE E 247 11.80 -44.55 10.81
C PHE E 247 10.38 -44.53 10.26
N GLU E 248 9.54 -45.50 10.62
CA GLU E 248 8.16 -45.46 10.13
C GLU E 248 7.15 -46.19 11.02
N ASN E 249 7.54 -47.35 11.56
CA ASN E 249 6.56 -48.18 12.26
C ASN E 249 6.12 -47.57 13.57
N ASN E 250 7.04 -46.91 14.30
CA ASN E 250 6.65 -46.25 15.53
C ASN E 250 5.71 -45.08 15.26
N ALA E 251 5.93 -44.37 14.15
CA ALA E 251 5.04 -43.27 13.79
C ALA E 251 3.65 -43.78 13.43
N ARG E 252 3.56 -44.97 12.83
CA ARG E 252 2.26 -45.53 12.47
C ARG E 252 1.43 -45.84 13.70
N ARG E 253 2.07 -46.32 14.77
CA ARG E 253 1.35 -46.62 16.00
C ARG E 253 1.01 -45.37 16.80
N ALA E 254 1.83 -44.32 16.69
CA ALA E 254 1.59 -43.10 17.45
C ALA E 254 0.50 -42.24 16.80
N TYR E 255 0.56 -42.07 15.48
CA TYR E 255 -0.35 -41.18 14.78
C TYR E 255 -1.47 -41.92 14.05
N ASN E 256 -1.52 -43.25 14.15
CA ASN E 256 -2.53 -44.07 13.48
C ASN E 256 -2.50 -43.83 11.97
N ILE E 257 -1.37 -44.17 11.36
CA ILE E 257 -1.14 -44.01 9.93
C ILE E 257 -1.26 -45.38 9.29
N ASP E 258 -2.28 -45.56 8.45
CA ASP E 258 -2.52 -46.84 7.79
C ASP E 258 -1.42 -47.17 6.79
#